data_8JLJ
#
_entry.id   8JLJ
#
_cell.length_a   1.00
_cell.length_b   1.00
_cell.length_c   1.00
_cell.angle_alpha   90.00
_cell.angle_beta   90.00
_cell.angle_gamma   90.00
#
_symmetry.space_group_name_H-M   'P 1'
#
loop_
_entity.id
_entity.type
_entity.pdbx_description
1 polymer mGs
2 polymer 'Guanine nucleotide-binding protein G(I)/G(S)/G(T) subunit beta-1'
3 polymer 'Soluble cytochrome b562,Trace amine-associated receptor 1'
4 polymer ScFv16
5 polymer 'Guanine nucleotide-binding protein G(I)/G(S)/G(O) subunit gamma-2'
6 non-polymer 4-[4-(2-azanylethyl)-2-iodanyl-phenoxy]phenol
#
loop_
_entity_poly.entity_id
_entity_poly.type
_entity_poly.pdbx_seq_one_letter_code
_entity_poly.pdbx_strand_id
1 'polypeptide(L)'
;MGCTLSAEDKAAVERSKMIEKQLQKDKQVYRATHRLLLLGADNSGKSTIVKQMRIYHVNGYSEEECKQYKAVVYSNTIQS
IIAIIRAMGRLKIDFGDSARADDARQLFVLAGAAEEGFMTAELAGVIKRLWKDSGVQACFNRSREYQLNDSAAYYLNDLD
RIAQPNYIPTQQDVLRTRVKTSGIFETKFQVDKVNFHMFDVGAQRDERRKWIQCFNDVTAIIFVVDSSDYNRLQEALNDF
KSIWNNRWLRTISVILFLNKQDLLAEKVLAGKSKIEDYFPEFARYTTPEDATPEPGEDPRVTRAKYFIRDEFLRISTASG
DGRHYCYPHFTCSVDTENARRIFNDCRDIIQRMHLRQYELL
;
A
2 'polypeptide(L)'
;MHHHHHHLEVLFQGPGSSGSELDQLRQEAEQLKNQIRDARKACADATLSQITNNIDPVGRIQMRTRRTLRGHLAKIYAMH
WGTDSRLLVSASQDGKLIIWDSYTTNKVHAIPLRSSWVMTCAYAPSGNYVACGGLDNICSIYNLKTREGNVRVSRELAGH
TGYLSCCRFLDDNQIVTSSGDTTCALWDIETGQQTTTFTGHTGDVMSLSLAPDTRLFVSGACDASAKLWDVREGMCRQTF
TGHESDINAICFFPNGNAFATGSDDATCRLFDLRADQELMTYSHDNIICGITSVSFSKSGRLLLAGYDDFNCNVWDALKA
DRAGVLAGHDNRVSCLGVTDDGMAVATGSWDSFLKIWN
;
B
3 'polypeptide(L)'
;DYKDDDDKADLEDNWETLNDNLKVIEKADNAAQVKDALTKMRAAALDAQKATPPKLEDKSPDSPEMKDFRHGFDILVGQI
DDALKLANEGKVKEAQAAAEQLKTTRNAYIQKYLMHLCHAITNISHRNSDWSREVQASLYSLMSLIILATLVGNLIVIIS
ISHFKQLHTPTNWLLHSMAIVDFLLGCLIMPCSMVRTVERCWYFGEILCKVHTSTDIMLSSASIFHLAFISIDRYCAVCD
PLRYKAKINISTILVMILVSWSLPAVYAFGMIFLELNLKGVEELYRSQVSDLGGCSPFFSKVSGVLAFMTSFYIPGSVML
FVYYRIYFIAKGQARSINRTNVQVGLEGKSQAPQSKETKAAKTLGIMVGVFLVCWCPFFLCTVLDPFLGYVIPPSLNDAL
YWFGYLNSALNPMVYAFFYPWFRRALKMVLLGKIFQKDSSRSKLFL
;
R
4 'polypeptide(L)'
;DVQLVESGGGLVQPGGSRKLSCSASGFAFSSFGMHWVRQAPEKGLEWVAYISSGSGTIYYADTVKGRFTISRDDPKNTLF
LQMTSLRSEDTAMYYCVRSIYYYGSSPFDFWGQGTTLTVSSGGGGSGGGGSGGGSSDIVMTQATSSVPVTPGESVSISCR
SSKSLLHSNGNTYLYWFLQRPGQSPQLLIYRMSNLASGVPDRFSGSGSGTAFTLTISRLEAEDVGVYYCMQHLEYPLTFG
AGTKLELKAAA
;
S
5 'polypeptide(L)' MASNNTASIAQARKLVEQLKMEANIDRIKVSKAAADLMAYCEAHAKEDPLLTPVPASENPFREKKFFCAIL Y
#
loop_
_chem_comp.id
_chem_comp.type
_chem_comp.name
_chem_comp.formula
UJF non-polymer 4-[4-(2-azanylethyl)-2-iodanyl-phenoxy]phenol 'C14 H14 I N O2'
#
# COMPACT_ATOMS: atom_id res chain seq x y z
N THR A 4 -9.71 -21.83 7.04
CA THR A 4 -10.98 -21.14 6.96
C THR A 4 -12.14 -22.08 7.28
N LEU A 5 -11.80 -23.29 7.74
CA LEU A 5 -12.83 -24.28 8.05
C LEU A 5 -13.68 -23.84 9.24
N SER A 6 -13.06 -23.25 10.25
CA SER A 6 -13.78 -22.82 11.44
C SER A 6 -14.63 -21.59 11.15
N ALA A 7 -15.69 -21.42 11.96
CA ALA A 7 -16.57 -20.27 11.81
C ALA A 7 -15.84 -18.98 12.18
N GLU A 8 -14.97 -19.03 13.18
CA GLU A 8 -14.20 -17.85 13.55
C GLU A 8 -13.29 -17.40 12.41
N ASP A 9 -12.67 -18.35 11.71
CA ASP A 9 -11.86 -18.00 10.55
C ASP A 9 -12.70 -17.37 9.46
N LYS A 10 -13.92 -17.88 9.25
CA LYS A 10 -14.80 -17.29 8.25
C LYS A 10 -15.18 -15.86 8.62
N ALA A 11 -15.46 -15.61 9.90
CA ALA A 11 -15.77 -14.26 10.34
C ALA A 11 -14.57 -13.33 10.18
N ALA A 12 -13.37 -13.84 10.47
CA ALA A 12 -12.16 -13.03 10.25
C ALA A 12 -11.98 -12.71 8.78
N VAL A 13 -12.25 -13.68 7.91
CA VAL A 13 -12.16 -13.43 6.46
C VAL A 13 -13.16 -12.37 6.04
N GLU A 14 -14.39 -12.44 6.58
CA GLU A 14 -15.39 -11.43 6.25
C GLU A 14 -14.96 -10.04 6.73
N ARG A 15 -14.37 -9.96 7.92
CA ARG A 15 -13.86 -8.68 8.40
C ARG A 15 -12.75 -8.16 7.50
N SER A 16 -11.87 -9.05 7.05
CA SER A 16 -10.82 -8.63 6.13
C SER A 16 -11.39 -8.13 4.82
N LYS A 17 -12.46 -8.77 4.32
CA LYS A 17 -13.11 -8.31 3.09
C LYS A 17 -13.73 -6.93 3.29
N MET A 18 -14.32 -6.70 4.46
CA MET A 18 -14.90 -5.37 4.77
C MET A 18 -13.77 -4.33 4.75
N ILE A 19 -12.63 -4.66 5.37
CA ILE A 19 -11.49 -3.73 5.40
C ILE A 19 -11.00 -3.46 3.97
N GLU A 20 -10.96 -4.50 3.14
CA GLU A 20 -10.54 -4.32 1.75
C GLU A 20 -11.51 -3.42 0.98
N LYS A 21 -12.76 -3.23 1.35
CA LYS A 21 -13.74 -2.46 0.55
C LYS A 21 -13.79 -0.98 0.92
N GLN A 22 -13.42 -0.57 2.11
CA GLN A 22 -13.25 0.85 2.48
C GLN A 22 -11.90 1.35 1.94
N LEU A 23 -10.96 0.48 1.65
CA LEU A 23 -9.68 0.85 1.06
C LEU A 23 -9.84 1.03 -0.45
N GLN A 24 -11.04 0.80 -0.98
CA GLN A 24 -11.30 1.03 -2.43
C GLN A 24 -11.82 2.46 -2.59
N LYS A 25 -12.65 2.93 -1.65
CA LYS A 25 -13.18 4.31 -1.70
C LYS A 25 -12.02 5.29 -1.60
N ASP A 26 -11.06 5.01 -0.71
CA ASP A 26 -9.88 5.91 -0.53
C ASP A 26 -9.13 6.03 -1.86
N LYS A 27 -8.93 4.90 -2.54
CA LYS A 27 -8.19 4.91 -3.83
C LYS A 27 -8.81 5.94 -4.77
N GLN A 28 -10.13 5.87 -4.98
CA GLN A 28 -10.75 6.76 -5.86
C GLN A 28 -10.53 8.17 -5.40
N VAL A 29 -10.80 8.46 -4.15
CA VAL A 29 -10.46 9.85 -3.80
C VAL A 29 -8.97 10.27 -4.04
N TYR A 30 -7.99 9.45 -3.73
CA TYR A 30 -6.57 9.73 -3.97
C TYR A 30 -6.28 9.87 -5.45
N ARG A 31 -6.88 9.07 -6.32
CA ARG A 31 -6.65 9.10 -7.78
C ARG A 31 -7.27 10.35 -8.39
N ALA A 32 -8.25 10.93 -7.75
CA ALA A 32 -8.70 12.18 -8.23
C ALA A 32 -8.00 13.41 -7.68
N THR A 33 -7.32 13.36 -6.54
CA THR A 33 -6.52 14.61 -6.16
C THR A 33 -5.09 14.97 -6.79
N HIS A 34 -4.63 16.22 -6.69
CA HIS A 34 -3.31 16.66 -7.13
C HIS A 34 -2.59 17.30 -5.96
N ARG A 35 -1.33 16.91 -5.75
CA ARG A 35 -0.53 17.39 -4.65
C ARG A 35 0.51 18.39 -5.15
N LEU A 36 0.68 19.48 -4.41
CA LEU A 36 1.62 20.54 -4.75
C LEU A 36 2.50 20.86 -3.55
N LEU A 37 3.73 21.29 -3.82
CA LEU A 37 4.68 21.67 -2.79
C LEU A 37 4.99 23.15 -2.92
N LEU A 38 4.94 23.87 -1.80
CA LEU A 38 5.15 25.31 -1.76
C LEU A 38 6.49 25.59 -1.11
N LEU A 39 7.33 26.39 -1.78
CA LEU A 39 8.64 26.76 -1.28
C LEU A 39 8.84 28.26 -1.43
N GLY A 40 9.71 28.81 -0.59
CA GLY A 40 10.00 30.24 -0.64
C GLY A 40 11.06 30.67 0.34
N ALA A 41 10.87 31.82 0.97
CA ALA A 41 11.83 32.36 1.93
C ALA A 41 11.08 33.25 2.91
N ASP A 42 11.82 33.79 3.88
CA ASP A 42 11.21 34.64 4.89
C ASP A 42 10.70 35.94 4.28
N ASN A 43 11.49 36.56 3.42
CA ASN A 43 11.07 37.83 2.81
C ASN A 43 9.93 37.66 1.82
N SER A 44 9.91 36.54 1.09
CA SER A 44 8.86 36.29 0.11
C SER A 44 7.52 36.13 0.81
N GLY A 45 6.50 36.84 0.34
CA GLY A 45 5.20 36.82 0.97
C GLY A 45 4.36 35.61 0.59
N LYS A 46 4.89 34.41 0.82
CA LYS A 46 4.12 33.20 0.55
C LYS A 46 2.95 33.06 1.52
N SER A 47 3.12 33.49 2.77
CA SER A 47 2.03 33.41 3.74
C SER A 47 0.86 34.28 3.32
N THR A 48 1.14 35.49 2.82
CA THR A 48 0.07 36.35 2.35
C THR A 48 -0.65 35.73 1.15
N ILE A 49 0.11 35.10 0.24
CA ILE A 49 -0.49 34.48 -0.93
C ILE A 49 -1.40 33.33 -0.53
N VAL A 50 -0.93 32.47 0.39
CA VAL A 50 -1.74 31.34 0.80
C VAL A 50 -2.92 31.77 1.67
N LYS A 51 -2.82 32.91 2.34
CA LYS A 51 -3.97 33.42 3.08
C LYS A 51 -5.01 34.00 2.13
N GLN A 52 -4.57 34.70 1.08
CA GLN A 52 -5.50 35.19 0.06
C GLN A 52 -6.15 34.05 -0.69
N MET A 53 -5.42 32.96 -0.95
CA MET A 53 -5.99 31.81 -1.64
C MET A 53 -7.13 31.18 -0.84
N ARG A 54 -6.97 31.10 0.48
CA ARG A 54 -7.99 30.55 1.34
C ARG A 54 -9.21 31.47 1.39
N LYS A 180 3.49 26.89 19.03
CA LYS A 180 3.73 25.45 18.89
C LYS A 180 4.77 25.17 17.81
N THR A 181 5.43 24.02 17.92
CA THR A 181 6.45 23.62 16.96
C THR A 181 5.83 22.76 15.86
N SER A 182 4.96 23.39 15.08
CA SER A 182 4.29 22.68 13.98
C SER A 182 5.30 22.33 12.90
N GLY A 183 5.09 21.18 12.27
CA GLY A 183 6.03 20.68 11.28
C GLY A 183 5.70 21.04 9.84
N ILE A 184 4.47 20.76 9.41
CA ILE A 184 4.06 20.98 8.04
C ILE A 184 2.65 21.57 8.03
N PHE A 185 2.40 22.48 7.10
CA PHE A 185 1.10 23.11 6.93
C PHE A 185 0.42 22.58 5.67
N GLU A 186 -0.91 22.59 5.69
CA GLU A 186 -1.70 22.10 4.57
C GLU A 186 -2.79 23.10 4.24
N THR A 187 -2.97 23.38 2.95
CA THR A 187 -3.99 24.29 2.48
C THR A 187 -4.74 23.63 1.32
N LYS A 188 -6.06 23.79 1.31
CA LYS A 188 -6.91 23.17 0.30
C LYS A 188 -7.69 24.24 -0.46
N PHE A 189 -7.75 24.10 -1.78
CA PHE A 189 -8.53 24.97 -2.63
C PHE A 189 -9.03 24.19 -3.83
N GLN A 190 -10.14 24.65 -4.40
CA GLN A 190 -10.80 23.96 -5.49
C GLN A 190 -11.09 24.93 -6.62
N VAL A 191 -10.96 24.46 -7.85
CA VAL A 191 -11.27 25.25 -9.04
C VAL A 191 -11.70 24.29 -10.15
N ASP A 192 -12.81 24.63 -10.81
CA ASP A 192 -13.36 23.80 -11.90
C ASP A 192 -13.59 22.37 -11.44
N LYS A 193 -14.09 22.21 -10.21
CA LYS A 193 -14.38 20.90 -9.63
C LYS A 193 -13.16 20.01 -9.61
N VAL A 194 -11.98 20.60 -9.40
CA VAL A 194 -10.73 19.87 -9.30
C VAL A 194 -10.07 20.25 -7.98
N ASN A 195 -9.68 19.24 -7.21
CA ASN A 195 -9.13 19.45 -5.87
C ASN A 195 -7.61 19.45 -5.93
N PHE A 196 -7.00 20.45 -5.30
CA PHE A 196 -5.55 20.55 -5.19
C PHE A 196 -5.16 20.56 -3.72
N HIS A 197 -4.09 19.83 -3.39
CA HIS A 197 -3.57 19.77 -2.03
C HIS A 197 -2.17 20.35 -2.02
N MET A 198 -1.97 21.38 -1.21
CA MET A 198 -0.69 22.08 -1.13
C MET A 198 -0.10 21.93 0.28
N PHE A 199 1.20 21.69 0.34
CA PHE A 199 1.90 21.42 1.60
C PHE A 199 3.00 22.46 1.78
N ASP A 200 2.95 23.17 2.89
CA ASP A 200 3.95 24.18 3.23
C ASP A 200 4.77 23.68 4.42
N VAL A 201 6.09 23.76 4.30
CA VAL A 201 6.99 23.28 5.36
C VAL A 201 7.03 24.33 6.46
N GLY A 202 6.72 23.91 7.69
CA GLY A 202 6.70 24.81 8.82
C GLY A 202 8.04 24.95 9.52
N ALA A 203 8.04 24.79 10.84
CA ALA A 203 9.26 24.95 11.63
C ALA A 203 10.19 23.77 11.38
N GLN A 204 11.24 24.01 10.60
CA GLN A 204 12.24 22.99 10.28
C GLN A 204 13.61 23.65 10.22
N ARG A 205 14.64 22.81 10.30
CA ARG A 205 16.02 23.31 10.26
C ARG A 205 16.36 23.78 8.85
N ASP A 206 17.50 24.47 8.75
CA ASP A 206 17.96 25.03 7.49
C ASP A 206 18.33 23.99 6.45
N GLU A 207 18.52 22.73 6.85
CA GLU A 207 18.88 21.66 5.94
C GLU A 207 17.62 21.01 5.37
N ARG A 208 17.56 20.92 4.04
CA ARG A 208 16.42 20.33 3.35
C ARG A 208 16.81 19.14 2.48
N ARG A 209 18.07 18.71 2.53
CA ARG A 209 18.54 17.65 1.65
C ARG A 209 17.84 16.32 1.94
N LYS A 210 17.64 16.00 3.22
CA LYS A 210 17.18 14.67 3.60
C LYS A 210 15.69 14.44 3.30
N TRP A 211 14.83 15.37 3.71
CA TRP A 211 13.39 15.15 3.59
C TRP A 211 12.81 15.56 2.24
N ILE A 212 13.65 16.06 1.32
CA ILE A 212 13.16 16.47 0.02
C ILE A 212 12.80 15.29 -0.88
N GLN A 213 13.23 14.09 -0.54
CA GLN A 213 12.96 12.92 -1.37
C GLN A 213 11.55 12.38 -1.19
N CYS A 214 10.79 12.90 -0.22
CA CYS A 214 9.42 12.46 0.00
C CYS A 214 8.42 13.18 -0.91
N PHE A 215 8.87 14.12 -1.73
CA PHE A 215 8.00 14.88 -2.61
C PHE A 215 8.38 14.68 -4.08
N ASN A 216 8.80 13.47 -4.43
CA ASN A 216 9.21 13.15 -5.80
C ASN A 216 8.05 12.70 -6.67
N ASP A 217 6.81 12.87 -6.20
CA ASP A 217 5.64 12.47 -6.97
C ASP A 217 4.56 13.54 -7.00
N VAL A 218 4.90 14.79 -6.75
CA VAL A 218 3.94 15.88 -6.76
C VAL A 218 3.76 16.38 -8.18
N THR A 219 2.66 17.11 -8.41
CA THR A 219 2.39 17.63 -9.74
C THR A 219 3.36 18.76 -10.10
N ALA A 220 3.56 19.70 -9.18
CA ALA A 220 4.41 20.85 -9.46
C ALA A 220 4.88 21.46 -8.15
N ILE A 221 5.90 22.32 -8.26
CA ILE A 221 6.45 23.03 -7.12
C ILE A 221 6.30 24.53 -7.38
N ILE A 222 5.76 25.25 -6.39
CA ILE A 222 5.53 26.69 -6.49
C ILE A 222 6.65 27.41 -5.75
N PHE A 223 7.32 28.31 -6.44
CA PHE A 223 8.42 29.09 -5.87
C PHE A 223 8.03 30.57 -5.85
N VAL A 224 8.27 31.22 -4.72
CA VAL A 224 7.93 32.63 -4.54
C VAL A 224 9.22 33.43 -4.34
N VAL A 225 9.35 34.52 -5.09
CA VAL A 225 10.54 35.36 -5.06
C VAL A 225 10.11 36.78 -4.71
N ASP A 226 10.82 37.40 -3.77
CA ASP A 226 10.56 38.77 -3.35
C ASP A 226 11.48 39.68 -4.16
N SER A 227 10.90 40.41 -5.11
CA SER A 227 11.67 41.30 -5.99
C SER A 227 11.63 42.73 -5.45
N SER A 228 12.11 42.89 -4.22
CA SER A 228 12.19 44.21 -3.60
C SER A 228 13.50 44.49 -2.89
N ASP A 229 14.28 43.48 -2.51
CA ASP A 229 15.52 43.67 -1.79
C ASP A 229 16.70 43.34 -2.69
N TYR A 230 17.91 43.61 -2.19
CA TYR A 230 19.14 43.42 -2.93
C TYR A 230 20.03 42.40 -2.23
N ASN A 231 20.57 41.48 -3.04
CA ASN A 231 21.36 40.32 -2.64
C ASN A 231 20.47 39.25 -2.00
N ARG A 232 19.24 39.63 -1.66
CA ARG A 232 18.23 38.63 -1.38
C ARG A 232 17.72 38.02 -2.68
N LEU A 233 17.72 38.81 -3.75
CA LEU A 233 17.55 38.24 -5.09
C LEU A 233 18.67 37.25 -5.39
N GLN A 234 19.91 37.59 -5.03
CA GLN A 234 21.02 36.67 -5.26
C GLN A 234 20.81 35.38 -4.48
N GLU A 235 20.38 35.48 -3.22
CA GLU A 235 20.04 34.28 -2.47
C GLU A 235 18.92 33.49 -3.12
N ALA A 236 17.92 34.17 -3.67
CA ALA A 236 16.82 33.48 -4.36
C ALA A 236 17.31 32.72 -5.58
N LEU A 237 18.18 33.35 -6.39
CA LEU A 237 18.77 32.64 -7.53
C LEU A 237 19.60 31.45 -7.08
N ASN A 238 20.38 31.60 -6.00
CA ASN A 238 21.15 30.47 -5.51
C ASN A 238 20.23 29.32 -5.08
N ASP A 239 19.15 29.63 -4.36
CA ASP A 239 18.22 28.60 -3.92
C ASP A 239 17.53 27.94 -5.12
N PHE A 240 17.16 28.74 -6.12
CA PHE A 240 16.52 28.19 -7.31
C PHE A 240 17.48 27.26 -8.06
N LYS A 241 18.75 27.65 -8.16
CA LYS A 241 19.73 26.79 -8.81
C LYS A 241 19.91 25.49 -8.03
N SER A 242 19.94 25.57 -6.70
CA SER A 242 20.09 24.37 -5.90
C SER A 242 18.89 23.43 -6.05
N ILE A 243 17.68 23.98 -6.06
CA ILE A 243 16.48 23.15 -6.16
C ILE A 243 16.36 22.57 -7.56
N TRP A 244 16.69 23.35 -8.59
CA TRP A 244 16.46 22.94 -9.97
C TRP A 244 17.29 21.71 -10.33
N ASN A 245 18.52 21.64 -9.83
CA ASN A 245 19.45 20.58 -10.19
C ASN A 245 19.39 19.37 -9.28
N ASN A 246 18.41 19.32 -8.36
CA ASN A 246 18.31 18.21 -7.43
C ASN A 246 18.01 16.91 -8.18
N ARG A 247 18.70 15.83 -7.80
CA ARG A 247 18.51 14.53 -8.49
C ARG A 247 17.12 13.97 -8.17
N TRP A 248 16.71 14.05 -6.91
CA TRP A 248 15.41 13.48 -6.52
C TRP A 248 14.23 14.29 -7.00
N LEU A 249 14.47 15.50 -7.53
CA LEU A 249 13.40 16.38 -7.98
C LEU A 249 13.22 16.35 -9.50
N ARG A 250 13.73 15.32 -10.16
CA ARG A 250 13.54 15.19 -11.59
C ARG A 250 12.09 14.86 -11.91
N THR A 251 11.72 15.12 -13.17
CA THR A 251 10.35 14.95 -13.68
C THR A 251 9.34 15.79 -12.90
N ILE A 252 9.78 16.88 -12.29
CA ILE A 252 8.92 17.78 -11.55
C ILE A 252 9.10 19.18 -12.12
N SER A 253 8.00 19.81 -12.51
CA SER A 253 8.03 21.16 -13.04
C SER A 253 7.91 22.18 -11.92
N VAL A 254 8.46 23.37 -12.16
CA VAL A 254 8.51 24.44 -11.17
C VAL A 254 7.72 25.62 -11.69
N ILE A 255 6.78 26.12 -10.89
CA ILE A 255 6.02 27.32 -11.20
C ILE A 255 6.63 28.47 -10.41
N LEU A 256 7.02 29.53 -11.11
CA LEU A 256 7.73 30.66 -10.52
C LEU A 256 6.79 31.84 -10.37
N PHE A 257 6.74 32.40 -9.16
CA PHE A 257 5.92 33.56 -8.85
C PHE A 257 6.82 34.72 -8.43
N LEU A 258 6.64 35.87 -9.07
CA LEU A 258 7.38 37.08 -8.75
C LEU A 258 6.46 37.97 -7.91
N ASN A 259 6.66 37.94 -6.59
CA ASN A 259 5.76 38.60 -5.65
C ASN A 259 6.21 40.02 -5.35
N LYS A 260 5.27 40.80 -4.82
CA LYS A 260 5.51 42.18 -4.37
C LYS A 260 6.08 43.03 -5.51
N GLN A 261 5.32 43.08 -6.61
CA GLN A 261 5.73 43.84 -7.77
C GLN A 261 5.53 45.34 -7.62
N ASP A 262 4.59 45.77 -6.76
CA ASP A 262 4.36 47.20 -6.58
C ASP A 262 5.51 47.88 -5.85
N LEU A 263 6.16 47.16 -4.91
CA LEU A 263 7.35 47.70 -4.27
C LEU A 263 8.47 47.93 -5.27
N LEU A 264 8.62 47.02 -6.24
CA LEU A 264 9.63 47.22 -7.27
C LEU A 264 9.37 48.48 -8.07
N ALA A 265 8.11 48.73 -8.43
CA ALA A 265 7.76 49.95 -9.15
C ALA A 265 8.00 51.18 -8.30
N GLU A 266 7.66 51.11 -7.01
CA GLU A 266 7.83 52.26 -6.13
C GLU A 266 9.29 52.52 -5.76
N LYS A 267 10.16 51.53 -5.93
CA LYS A 267 11.56 51.65 -5.54
C LYS A 267 12.46 52.13 -6.67
N VAL A 268 11.91 52.44 -7.85
CA VAL A 268 12.72 52.89 -8.96
C VAL A 268 12.29 54.29 -9.38
N LEU A 269 11.03 54.65 -9.10
CA LEU A 269 10.57 55.99 -9.42
C LEU A 269 11.20 57.04 -8.52
N ALA A 270 11.48 56.70 -7.27
CA ALA A 270 12.08 57.62 -6.32
C ALA A 270 13.60 57.60 -6.36
N GLY A 271 14.20 56.72 -7.15
CA GLY A 271 15.65 56.67 -7.22
C GLY A 271 16.25 56.14 -5.92
N LYS A 272 17.46 56.61 -5.61
CA LYS A 272 18.17 56.28 -4.38
C LYS A 272 18.59 54.81 -4.33
N SER A 273 18.24 54.05 -5.37
CA SER A 273 18.64 52.65 -5.44
C SER A 273 18.83 52.24 -6.89
N LYS A 274 19.98 51.64 -7.20
CA LYS A 274 20.32 51.24 -8.55
C LYS A 274 20.65 49.76 -8.60
N ILE A 275 20.07 49.07 -9.57
CA ILE A 275 20.37 47.64 -9.76
C ILE A 275 21.80 47.46 -10.21
N GLU A 276 22.32 48.40 -11.01
CA GLU A 276 23.69 48.30 -11.50
C GLU A 276 24.72 48.29 -10.39
N ASP A 277 24.38 48.82 -9.21
CA ASP A 277 25.30 48.77 -8.08
C ASP A 277 25.57 47.34 -7.62
N TYR A 278 24.65 46.42 -7.88
CA TYR A 278 24.80 45.02 -7.51
C TYR A 278 25.00 44.10 -8.70
N PHE A 279 24.33 44.36 -9.82
CA PHE A 279 24.49 43.58 -11.04
C PHE A 279 25.13 44.44 -12.13
N PRO A 280 26.42 44.27 -12.42
CA PRO A 280 27.06 45.12 -13.44
C PRO A 280 26.57 44.87 -14.85
N GLU A 281 25.87 43.78 -15.11
CA GLU A 281 25.38 43.46 -16.45
C GLU A 281 24.04 44.10 -16.77
N PHE A 282 23.46 44.87 -15.84
CA PHE A 282 22.19 45.53 -16.10
C PHE A 282 22.32 46.59 -17.17
N ALA A 283 23.46 47.27 -17.24
CA ALA A 283 23.65 48.33 -18.24
C ALA A 283 23.60 47.76 -19.66
N ARG A 284 24.22 46.60 -19.87
CA ARG A 284 24.23 45.96 -21.19
C ARG A 284 22.99 45.07 -21.36
N TYR A 285 21.82 45.70 -21.25
CA TYR A 285 20.56 44.99 -21.38
C TYR A 285 19.52 45.95 -21.95
N THR A 286 18.52 45.37 -22.61
CA THR A 286 17.45 46.17 -23.21
C THR A 286 16.16 45.35 -23.19
N THR A 287 15.04 46.05 -23.34
CA THR A 287 13.75 45.38 -23.35
C THR A 287 13.62 44.50 -24.59
N PRO A 288 13.29 43.22 -24.44
CA PRO A 288 13.16 42.35 -25.61
C PRO A 288 11.96 42.72 -26.46
N GLU A 289 12.05 42.34 -27.74
CA GLU A 289 10.97 42.64 -28.68
C GLU A 289 9.69 41.90 -28.32
N ASP A 290 9.80 40.64 -27.90
CA ASP A 290 8.63 39.84 -27.56
C ASP A 290 7.98 40.27 -26.25
N ALA A 291 8.59 41.20 -25.52
CA ALA A 291 8.02 41.66 -24.26
C ALA A 291 6.66 42.31 -24.49
N THR A 292 5.75 42.12 -23.53
CA THR A 292 4.40 42.65 -23.59
C THR A 292 4.14 43.46 -22.32
N PRO A 293 4.62 44.71 -22.28
CA PRO A 293 4.39 45.55 -21.10
C PRO A 293 2.96 46.07 -21.02
N GLU A 294 2.06 45.26 -20.47
CA GLU A 294 0.65 45.64 -20.35
C GLU A 294 0.44 46.95 -19.61
N PRO A 295 1.06 47.20 -18.43
CA PRO A 295 0.89 48.51 -17.79
C PRO A 295 1.52 49.64 -18.60
N GLY A 296 2.80 49.48 -18.97
CA GLY A 296 3.48 50.48 -19.75
C GLY A 296 3.61 51.83 -19.07
N GLU A 297 3.76 51.84 -17.75
CA GLU A 297 3.88 53.11 -17.04
C GLU A 297 5.23 53.76 -17.27
N ASP A 298 6.32 52.99 -17.19
CA ASP A 298 7.66 53.51 -17.38
C ASP A 298 8.54 52.45 -18.02
N PRO A 299 9.31 52.81 -19.06
CA PRO A 299 10.20 51.81 -19.68
C PRO A 299 11.24 51.24 -18.74
N ARG A 300 11.72 52.03 -17.77
CA ARG A 300 12.72 51.53 -16.84
C ARG A 300 12.18 50.40 -15.98
N VAL A 301 10.92 50.54 -15.53
CA VAL A 301 10.31 49.49 -14.72
C VAL A 301 10.21 48.19 -15.51
N THR A 302 9.76 48.30 -16.77
CA THR A 302 9.65 47.11 -17.61
C THR A 302 11.02 46.49 -17.87
N ARG A 303 12.03 47.33 -18.10
CA ARG A 303 13.38 46.83 -18.33
C ARG A 303 13.90 46.05 -17.12
N ALA A 304 13.75 46.63 -15.93
CA ALA A 304 14.21 45.94 -14.71
C ALA A 304 13.42 44.65 -14.48
N LYS A 305 12.10 44.70 -14.67
CA LYS A 305 11.27 43.52 -14.48
C LYS A 305 11.66 42.39 -15.43
N TYR A 306 11.90 42.71 -16.70
CA TYR A 306 12.28 41.67 -17.65
C TYR A 306 13.70 41.19 -17.43
N PHE A 307 14.60 42.05 -16.96
CA PHE A 307 15.94 41.58 -16.60
C PHE A 307 15.88 40.58 -15.45
N ILE A 308 15.09 40.90 -14.42
CA ILE A 308 14.95 40.00 -13.27
C ILE A 308 14.32 38.69 -13.70
N ARG A 309 13.28 38.76 -14.54
CA ARG A 309 12.64 37.54 -15.04
C ARG A 309 13.61 36.72 -15.88
N ASP A 310 14.39 37.38 -16.75
CA ASP A 310 15.27 36.66 -17.66
C ASP A 310 16.43 36.03 -16.93
N GLU A 311 16.82 36.56 -15.78
CA GLU A 311 17.83 35.88 -14.97
C GLU A 311 17.37 34.48 -14.60
N PHE A 312 16.16 34.39 -14.01
CA PHE A 312 15.60 33.09 -13.64
C PHE A 312 15.32 32.24 -14.88
N LEU A 313 14.90 32.87 -15.97
CA LEU A 313 14.66 32.12 -17.21
C LEU A 313 15.93 31.46 -17.72
N ARG A 314 17.05 32.19 -17.71
CA ARG A 314 18.31 31.61 -18.18
C ARG A 314 18.80 30.52 -17.23
N ILE A 315 18.62 30.72 -15.92
CA ILE A 315 18.97 29.67 -14.98
C ILE A 315 18.15 28.41 -15.25
N SER A 316 16.85 28.57 -15.50
CA SER A 316 15.99 27.42 -15.74
C SER A 316 16.36 26.72 -17.04
N THR A 317 16.65 27.49 -18.10
CA THR A 317 16.96 26.87 -19.40
C THR A 317 18.40 26.44 -19.52
N ALA A 318 19.24 26.70 -18.50
CA ALA A 318 20.61 26.22 -18.54
C ALA A 318 20.67 24.69 -18.59
N SER A 319 19.64 24.02 -18.09
CA SER A 319 19.59 22.56 -18.12
C SER A 319 18.12 22.14 -18.08
N GLY A 320 17.89 20.83 -18.15
CA GLY A 320 16.55 20.29 -18.09
C GLY A 320 16.26 19.25 -19.14
N ASP A 321 16.93 19.35 -20.28
CA ASP A 321 16.83 18.41 -21.41
C ASP A 321 15.38 18.07 -21.77
N GLY A 322 14.47 19.01 -21.52
CA GLY A 322 13.09 18.88 -21.95
C GLY A 322 12.22 18.00 -21.09
N ARG A 323 12.74 17.44 -19.99
CA ARG A 323 11.92 16.60 -19.12
C ARG A 323 10.98 17.41 -18.24
N HIS A 324 11.38 18.61 -17.83
CA HIS A 324 10.53 19.47 -16.98
C HIS A 324 10.63 20.90 -17.50
N TYR A 325 9.74 21.77 -17.04
CA TYR A 325 9.68 23.15 -17.58
C TYR A 325 9.51 24.19 -16.47
N CYS A 326 9.67 25.48 -16.75
CA CYS A 326 9.44 26.57 -15.78
C CYS A 326 8.34 27.49 -16.28
N TYR A 327 7.42 27.91 -15.41
CA TYR A 327 6.31 28.79 -15.79
C TYR A 327 6.35 30.03 -14.92
N PRO A 328 7.14 31.02 -15.29
CA PRO A 328 7.21 32.26 -14.49
C PRO A 328 5.96 33.10 -14.62
N HIS A 329 5.68 33.86 -13.57
CA HIS A 329 4.52 34.75 -13.52
C HIS A 329 4.85 35.96 -12.68
N PHE A 330 4.06 37.02 -12.87
CA PHE A 330 4.19 38.26 -12.13
C PHE A 330 3.02 38.35 -11.15
N THR A 331 3.32 38.35 -9.86
CA THR A 331 2.31 38.32 -8.81
C THR A 331 2.32 39.62 -8.02
N CYS A 332 1.11 40.14 -7.76
CA CYS A 332 0.93 41.36 -7.02
C CYS A 332 0.68 41.03 -5.55
N SER A 333 0.35 42.07 -4.76
CA SER A 333 0.12 41.88 -3.33
C SER A 333 -1.07 40.96 -3.08
N VAL A 334 -2.20 41.24 -3.74
CA VAL A 334 -3.38 40.39 -3.58
C VAL A 334 -3.47 39.42 -4.75
N ASP A 335 -3.60 39.93 -5.97
CA ASP A 335 -3.60 39.14 -7.20
C ASP A 335 -4.53 37.92 -7.09
N THR A 336 -5.83 38.16 -7.01
CA THR A 336 -6.79 37.07 -6.83
C THR A 336 -7.05 36.32 -8.14
N GLU A 337 -5.98 35.94 -8.83
CA GLU A 337 -6.08 35.15 -10.05
C GLU A 337 -5.04 34.04 -10.13
N ASN A 338 -4.30 33.79 -9.04
CA ASN A 338 -3.23 32.80 -9.09
C ASN A 338 -3.77 31.38 -9.19
N ALA A 339 -4.98 31.14 -8.71
CA ALA A 339 -5.56 29.79 -8.78
C ALA A 339 -5.76 29.37 -10.24
N ARG A 340 -6.25 30.28 -11.07
CA ARG A 340 -6.43 29.97 -12.49
C ARG A 340 -5.08 29.72 -13.17
N ARG A 341 -4.07 30.50 -12.81
CA ARG A 341 -2.74 30.29 -13.37
C ARG A 341 -2.20 28.92 -13.00
N ILE A 342 -2.35 28.53 -11.74
CA ILE A 342 -1.88 27.21 -11.29
C ILE A 342 -2.66 26.11 -12.00
N PHE A 343 -3.97 26.28 -12.16
CA PHE A 343 -4.78 25.29 -12.86
C PHE A 343 -4.31 25.11 -14.29
N ASN A 344 -4.09 26.22 -15.00
CA ASN A 344 -3.63 26.15 -16.39
C ASN A 344 -2.26 25.51 -16.48
N ASP A 345 -1.34 25.88 -15.58
CA ASP A 345 -0.01 25.30 -15.60
C ASP A 345 -0.04 23.80 -15.35
N CYS A 346 -0.85 23.36 -14.37
CA CYS A 346 -0.97 21.94 -14.10
C CYS A 346 -1.59 21.19 -15.27
N ARG A 347 -2.61 21.79 -15.88
CA ARG A 347 -3.23 21.14 -17.07
C ARG A 347 -2.16 20.96 -18.15
N ASP A 348 -1.40 22.03 -18.45
CA ASP A 348 -0.38 21.94 -19.48
C ASP A 348 0.68 20.90 -19.14
N ILE A 349 1.09 20.83 -17.88
CA ILE A 349 2.11 19.88 -17.46
C ILE A 349 1.61 18.45 -17.67
N ILE A 350 0.38 18.09 -17.35
CA ILE A 350 -0.04 16.65 -17.48
C ILE A 350 -0.25 16.23 -18.95
N GLN A 351 -0.71 17.12 -19.82
CA GLN A 351 -0.90 16.84 -21.25
C GLN A 351 0.42 16.49 -21.89
N ARG A 352 1.48 17.25 -21.69
CA ARG A 352 2.81 16.91 -22.25
C ARG A 352 3.29 15.56 -21.72
N MET A 353 3.10 15.27 -20.46
CA MET A 353 3.48 13.96 -19.87
C MET A 353 2.75 12.82 -20.57
N HIS A 354 1.46 12.98 -20.85
CA HIS A 354 0.68 11.94 -21.54
C HIS A 354 1.10 11.87 -23.01
N LEU A 355 1.35 12.99 -23.67
CA LEU A 355 1.83 12.98 -25.07
C LEU A 355 3.22 12.37 -25.10
N ARG A 356 4.06 12.54 -24.06
CA ARG A 356 5.30 11.80 -24.22
C ARG A 356 5.24 10.30 -24.14
N GLN A 357 4.39 9.75 -23.32
CA GLN A 357 4.18 8.31 -23.17
C GLN A 357 3.58 7.52 -24.31
N TYR A 358 2.79 8.13 -25.17
CA TYR A 358 2.15 7.54 -26.26
C TYR A 358 2.80 8.07 -27.48
N GLU A 359 4.07 8.42 -27.43
CA GLU A 359 4.93 8.83 -28.55
C GLU A 359 4.38 9.84 -29.53
N LEU A 360 3.90 10.97 -29.08
CA LEU A 360 3.36 11.95 -29.97
C LEU A 360 4.18 13.14 -29.74
N LEU A 361 5.07 13.03 -28.78
CA LEU A 361 6.00 14.07 -28.43
C LEU A 361 7.15 13.30 -27.86
N GLU B 21 40.49 31.77 25.76
CA GLU B 21 40.53 31.93 24.31
C GLU B 21 40.25 30.60 23.61
N LEU B 22 39.89 30.69 22.32
CA LEU B 22 39.59 29.49 21.54
C LEU B 22 40.85 28.83 20.98
N ASP B 23 42.00 29.49 21.05
CA ASP B 23 43.22 28.93 20.48
C ASP B 23 43.69 27.68 21.24
N GLN B 24 43.75 27.77 22.57
CA GLN B 24 44.26 26.67 23.36
C GLN B 24 43.25 25.53 23.49
N LEU B 25 41.96 25.84 23.47
CA LEU B 25 40.94 24.79 23.62
C LEU B 25 40.94 23.86 22.40
N ARG B 26 41.09 24.42 21.20
CA ARG B 26 41.13 23.59 20.01
C ARG B 26 42.33 22.65 20.01
N GLN B 27 43.50 23.16 20.42
CA GLN B 27 44.67 22.31 20.49
C GLN B 27 44.51 21.22 21.53
N GLU B 28 43.88 21.55 22.68
CA GLU B 28 43.63 20.53 23.69
C GLU B 28 42.69 19.44 23.17
N ALA B 29 41.62 19.84 22.47
CA ALA B 29 40.72 18.85 21.90
C ALA B 29 41.44 17.98 20.88
N GLU B 30 42.28 18.60 20.05
CA GLU B 30 43.03 17.83 19.05
C GLU B 30 43.97 16.84 19.70
N GLN B 31 44.64 17.24 20.80
CA GLN B 31 45.57 16.32 21.43
C GLN B 31 44.86 15.21 22.21
N LEU B 32 43.69 15.50 22.79
CA LEU B 32 42.88 14.41 23.33
C LEU B 32 42.46 13.43 22.24
N LYS B 33 42.06 13.95 21.07
CA LYS B 33 41.69 13.06 19.97
C LYS B 33 42.88 12.23 19.51
N ASN B 34 44.06 12.84 19.45
CA ASN B 34 45.27 12.11 19.06
C ASN B 34 45.60 11.01 20.07
N GLN B 35 45.47 11.33 21.37
CA GLN B 35 45.73 10.32 22.40
C GLN B 35 44.74 9.17 22.29
N ILE B 36 43.46 9.48 22.05
CA ILE B 36 42.45 8.44 21.92
C ILE B 36 42.76 7.55 20.70
N ARG B 37 43.12 8.18 19.58
CA ARG B 37 43.45 7.42 18.39
C ARG B 37 44.67 6.53 18.60
N ASP B 38 45.69 7.05 19.29
CA ASP B 38 46.88 6.26 19.56
C ASP B 38 46.56 5.08 20.48
N ALA B 39 45.73 5.30 21.49
CA ALA B 39 45.33 4.20 22.37
C ALA B 39 44.54 3.14 21.60
N ARG B 40 43.63 3.57 20.72
CA ARG B 40 42.87 2.61 19.92
C ARG B 40 43.78 1.82 18.99
N LYS B 41 44.76 2.49 18.37
CA LYS B 41 45.70 1.81 17.50
C LYS B 41 46.54 0.80 18.28
N ALA B 42 47.00 1.18 19.47
CA ALA B 42 47.79 0.26 20.29
C ALA B 42 46.94 -0.92 20.78
N CYS B 43 45.63 -0.71 20.94
CA CYS B 43 44.76 -1.79 21.38
C CYS B 43 44.61 -2.87 20.30
N ALA B 44 44.84 -2.52 19.04
CA ALA B 44 44.66 -3.48 17.95
C ALA B 44 45.67 -4.61 18.05
N ASP B 45 45.17 -5.85 17.96
CA ASP B 45 46.02 -7.04 18.02
C ASP B 45 45.96 -7.84 16.73
N ALA B 46 44.76 -8.21 16.26
CA ALA B 46 44.62 -9.05 15.09
C ALA B 46 43.26 -8.82 14.45
N THR B 47 43.14 -9.27 13.20
CA THR B 47 41.90 -9.12 12.46
C THR B 47 41.01 -10.35 12.66
N LEU B 48 39.71 -10.10 12.78
CA LEU B 48 38.75 -11.19 12.96
C LEU B 48 38.74 -12.14 11.77
N SER B 49 39.04 -11.62 10.56
CA SER B 49 39.05 -12.48 9.38
C SER B 49 40.13 -13.56 9.49
N GLN B 50 41.30 -13.20 10.03
CA GLN B 50 42.36 -14.19 10.23
C GLN B 50 41.91 -15.28 11.20
N ILE B 51 41.19 -14.90 12.26
CA ILE B 51 40.71 -15.88 13.23
C ILE B 51 39.64 -16.78 12.61
N THR B 52 38.80 -16.21 11.76
CA THR B 52 37.66 -16.94 11.20
C THR B 52 38.01 -17.70 9.92
N ASN B 53 39.21 -17.51 9.38
CA ASN B 53 39.56 -18.13 8.10
C ASN B 53 39.58 -19.67 8.17
N ASN B 54 39.60 -20.26 9.36
CA ASN B 54 39.65 -21.72 9.49
C ASN B 54 38.29 -22.30 9.87
N ILE B 55 37.20 -21.72 9.36
CA ILE B 55 35.86 -22.25 9.55
C ILE B 55 35.21 -22.40 8.18
N ASP B 56 34.55 -23.55 7.98
CA ASP B 56 33.91 -23.82 6.70
C ASP B 56 32.81 -22.80 6.42
N PRO B 57 32.62 -22.42 5.16
CA PRO B 57 31.59 -21.42 4.84
C PRO B 57 30.19 -21.97 5.01
N VAL B 58 29.23 -21.05 5.12
CA VAL B 58 27.84 -21.43 5.31
C VAL B 58 27.32 -22.17 4.08
N GLY B 59 27.68 -21.72 2.88
CA GLY B 59 27.23 -22.33 1.65
C GLY B 59 26.35 -21.38 0.85
N ARG B 60 25.30 -21.93 0.27
CA ARG B 60 24.35 -21.18 -0.56
C ARG B 60 22.99 -21.20 0.13
N ILE B 61 22.42 -20.01 0.33
CA ILE B 61 21.11 -19.86 0.94
C ILE B 61 20.13 -19.42 -0.14
N GLN B 62 19.01 -20.13 -0.25
CA GLN B 62 18.00 -19.86 -1.28
C GLN B 62 16.63 -19.79 -0.60
N MET B 63 16.18 -18.57 -0.33
CA MET B 63 14.85 -18.36 0.22
C MET B 63 13.85 -18.05 -0.88
N ARG B 64 12.58 -18.35 -0.60
CA ARG B 64 11.51 -18.16 -1.57
C ARG B 64 10.36 -17.40 -0.92
N THR B 65 9.61 -16.68 -1.74
CA THR B 65 8.48 -15.91 -1.24
C THR B 65 7.34 -16.86 -0.85
N ARG B 66 6.84 -16.71 0.38
CA ARG B 66 5.75 -17.54 0.88
C ARG B 66 4.42 -16.80 0.98
N ARG B 67 4.45 -15.51 1.31
CA ARG B 67 3.23 -14.72 1.40
C ARG B 67 3.45 -13.38 0.71
N THR B 68 2.34 -12.80 0.25
CA THR B 68 2.36 -11.48 -0.38
C THR B 68 1.22 -10.66 0.19
N LEU B 69 1.54 -9.50 0.74
CA LEU B 69 0.56 -8.62 1.37
C LEU B 69 0.26 -7.45 0.45
N ARG B 70 -1.02 -7.26 0.13
CA ARG B 70 -1.46 -6.20 -0.75
C ARG B 70 -2.59 -5.42 -0.09
N GLY B 71 -2.67 -4.13 -0.43
CA GLY B 71 -3.69 -3.27 0.13
C GLY B 71 -3.21 -1.86 0.37
N HIS B 72 -1.88 -1.67 0.46
CA HIS B 72 -1.31 -0.35 0.63
C HIS B 72 -1.41 0.44 -0.67
N LEU B 73 -1.70 1.74 -0.54
CA LEU B 73 -1.83 2.62 -1.70
C LEU B 73 -0.51 3.26 -2.07
N ALA B 74 0.07 4.02 -1.15
CA ALA B 74 1.28 4.79 -1.42
C ALA B 74 2.52 3.99 -1.02
N LYS B 75 3.66 4.67 -1.00
CA LYS B 75 4.93 4.03 -0.69
C LYS B 75 4.99 3.61 0.77
N ILE B 76 5.67 2.49 1.01
CA ILE B 76 5.84 1.94 2.36
C ILE B 76 7.18 2.40 2.91
N TYR B 77 7.18 2.90 4.14
CA TYR B 77 8.36 3.49 4.75
C TYR B 77 8.97 2.65 5.87
N ALA B 78 8.15 2.03 6.71
CA ALA B 78 8.67 1.31 7.86
C ALA B 78 7.72 0.18 8.24
N MET B 79 8.26 -0.78 8.99
CA MET B 79 7.48 -1.89 9.54
C MET B 79 8.17 -2.40 10.80
N HIS B 80 7.42 -3.16 11.59
CA HIS B 80 7.94 -3.72 12.82
C HIS B 80 7.24 -5.03 13.14
N TRP B 81 8.03 -6.06 13.45
CA TRP B 81 7.49 -7.36 13.80
C TRP B 81 6.97 -7.37 15.24
N GLY B 82 6.00 -8.25 15.50
CA GLY B 82 5.49 -8.44 16.84
C GLY B 82 6.29 -9.48 17.61
N THR B 83 6.07 -9.50 18.93
CA THR B 83 6.78 -10.44 19.78
C THR B 83 6.24 -11.86 19.64
N ASP B 84 5.01 -12.01 19.16
CA ASP B 84 4.43 -13.33 18.98
C ASP B 84 4.82 -13.99 17.67
N SER B 85 5.62 -13.32 16.84
CA SER B 85 6.11 -13.82 15.56
C SER B 85 4.99 -14.09 14.57
N ARG B 86 3.83 -13.47 14.76
CA ARG B 86 2.70 -13.66 13.86
C ARG B 86 2.11 -12.34 13.35
N LEU B 87 2.11 -11.30 14.18
CA LEU B 87 1.54 -10.02 13.80
C LEU B 87 2.63 -9.00 13.50
N LEU B 88 2.29 -8.06 12.61
CA LEU B 88 3.21 -7.00 12.23
C LEU B 88 2.40 -5.78 11.84
N VAL B 89 3.07 -4.62 11.86
CA VAL B 89 2.45 -3.35 11.52
C VAL B 89 3.33 -2.65 10.49
N SER B 90 2.68 -1.98 9.54
CA SER B 90 3.37 -1.27 8.47
C SER B 90 2.76 0.11 8.29
N ALA B 91 3.57 1.03 7.78
CA ALA B 91 3.17 2.40 7.54
C ALA B 91 3.31 2.74 6.06
N SER B 92 2.42 3.60 5.57
CA SER B 92 2.39 3.97 4.16
C SER B 92 2.43 5.49 4.02
N GLN B 93 2.91 5.93 2.84
CA GLN B 93 3.08 7.36 2.59
C GLN B 93 1.74 8.09 2.51
N ASP B 94 0.62 7.37 2.38
CA ASP B 94 -0.69 8.00 2.31
C ASP B 94 -1.28 8.27 3.68
N GLY B 95 -0.65 7.81 4.76
CA GLY B 95 -1.14 8.05 6.10
C GLY B 95 -2.06 6.97 6.62
N LYS B 96 -1.64 5.71 6.48
CA LYS B 96 -2.43 4.58 6.94
C LYS B 96 -1.54 3.60 7.69
N LEU B 97 -2.07 3.03 8.76
CA LEU B 97 -1.43 1.97 9.51
C LEU B 97 -2.26 0.71 9.40
N ILE B 98 -1.62 -0.40 9.00
CA ILE B 98 -2.31 -1.66 8.79
C ILE B 98 -1.59 -2.74 9.59
N ILE B 99 -2.36 -3.52 10.34
CA ILE B 99 -1.85 -4.66 11.10
C ILE B 99 -2.19 -5.93 10.34
N TRP B 100 -1.18 -6.73 10.03
CA TRP B 100 -1.34 -7.93 9.20
C TRP B 100 -1.22 -9.19 10.04
N ASP B 101 -1.91 -10.23 9.59
CA ASP B 101 -1.74 -11.58 10.11
C ASP B 101 -0.87 -12.36 9.13
N SER B 102 0.33 -12.74 9.58
CA SER B 102 1.31 -13.31 8.66
C SER B 102 0.92 -14.71 8.19
N TYR B 103 0.20 -15.47 9.03
CA TYR B 103 -0.11 -16.85 8.67
C TYR B 103 -1.27 -16.94 7.68
N THR B 104 -2.42 -16.36 8.02
CA THR B 104 -3.61 -16.46 7.20
C THR B 104 -3.76 -15.30 6.21
N THR B 105 -2.81 -14.36 6.19
CA THR B 105 -2.81 -13.21 5.29
C THR B 105 -4.04 -12.34 5.47
N ASN B 106 -4.60 -12.30 6.68
CA ASN B 106 -5.76 -11.47 6.96
C ASN B 106 -5.34 -10.12 7.50
N LYS B 107 -6.25 -9.16 7.44
CA LYS B 107 -6.05 -7.81 7.96
C LYS B 107 -6.83 -7.65 9.25
N VAL B 108 -6.16 -7.20 10.31
CA VAL B 108 -6.76 -7.07 11.63
C VAL B 108 -7.26 -5.65 11.87
N HIS B 109 -6.41 -4.65 11.64
CA HIS B 109 -6.77 -3.27 11.91
C HIS B 109 -6.31 -2.38 10.76
N ALA B 110 -6.98 -1.23 10.64
CA ALA B 110 -6.60 -0.21 9.65
C ALA B 110 -6.83 1.15 10.29
N ILE B 111 -5.75 1.83 10.67
CA ILE B 111 -5.81 3.07 11.43
C ILE B 111 -5.42 4.21 10.50
N PRO B 112 -6.31 5.17 10.22
CA PRO B 112 -5.94 6.34 9.44
C PRO B 112 -5.22 7.38 10.31
N LEU B 113 -4.22 8.02 9.71
CA LEU B 113 -3.39 8.99 10.41
C LEU B 113 -3.80 10.41 10.07
N ARG B 114 -3.63 11.30 11.05
CA ARG B 114 -3.94 12.72 10.84
C ARG B 114 -3.01 13.34 9.81
N SER B 115 -1.72 13.02 9.86
CA SER B 115 -0.74 13.51 8.91
C SER B 115 -0.23 12.35 8.05
N SER B 116 -0.21 12.56 6.74
CA SER B 116 0.14 11.51 5.80
C SER B 116 1.65 11.30 5.66
N TRP B 117 2.46 12.25 6.13
CA TRP B 117 3.91 12.14 5.97
C TRP B 117 4.54 11.46 7.19
N VAL B 118 4.20 10.19 7.36
CA VAL B 118 4.74 9.36 8.44
C VAL B 118 6.01 8.71 7.96
N MET B 119 7.01 8.64 8.85
CA MET B 119 8.32 8.11 8.49
C MET B 119 8.75 6.91 9.32
N THR B 120 8.08 6.60 10.43
CA THR B 120 8.49 5.49 11.27
C THR B 120 7.28 4.94 12.01
N CYS B 121 7.42 3.70 12.49
CA CYS B 121 6.38 3.05 13.26
C CYS B 121 7.01 2.04 14.20
N ALA B 122 6.36 1.80 15.34
CA ALA B 122 6.87 0.90 16.35
C ALA B 122 5.72 0.09 16.94
N TYR B 123 6.06 -1.08 17.49
CA TYR B 123 5.10 -1.98 18.09
C TYR B 123 5.55 -2.30 19.51
N ALA B 124 4.63 -2.16 20.46
CA ALA B 124 4.97 -2.37 21.87
C ALA B 124 5.27 -3.84 22.14
N PRO B 125 6.24 -4.14 23.00
CA PRO B 125 6.52 -5.54 23.33
C PRO B 125 5.34 -6.26 23.95
N SER B 126 4.53 -5.56 24.75
CA SER B 126 3.35 -6.17 25.34
C SER B 126 2.22 -6.35 24.34
N GLY B 127 2.28 -5.67 23.20
CA GLY B 127 1.25 -5.81 22.18
C GLY B 127 0.01 -4.97 22.40
N ASN B 128 0.07 -3.98 23.30
CA ASN B 128 -1.10 -3.17 23.61
C ASN B 128 -1.11 -1.81 22.92
N TYR B 129 0.04 -1.34 22.42
CA TYR B 129 0.13 -0.01 21.84
C TYR B 129 1.00 -0.05 20.59
N VAL B 130 0.77 0.94 19.72
CA VAL B 130 1.61 1.19 18.56
C VAL B 130 1.91 2.68 18.49
N ALA B 131 3.00 3.02 17.81
CA ALA B 131 3.45 4.40 17.71
C ALA B 131 3.86 4.71 16.27
N CYS B 132 3.75 5.98 15.91
CA CYS B 132 4.16 6.43 14.59
C CYS B 132 4.41 7.94 14.64
N GLY B 133 5.13 8.43 13.64
CA GLY B 133 5.43 9.85 13.56
C GLY B 133 6.10 10.18 12.25
N GLY B 134 6.24 11.48 12.00
CA GLY B 134 6.82 11.95 10.76
C GLY B 134 7.17 13.43 10.75
N LEU B 135 6.89 14.10 9.63
CA LEU B 135 7.23 15.51 9.47
C LEU B 135 6.41 16.43 10.37
N ASP B 136 5.36 15.92 11.02
CA ASP B 136 4.53 16.74 11.89
C ASP B 136 5.19 17.07 13.22
N ASN B 137 6.39 16.54 13.49
CA ASN B 137 7.13 16.79 14.73
C ASN B 137 6.36 16.30 15.95
N ILE B 138 5.54 15.26 15.78
CA ILE B 138 4.70 14.74 16.85
C ILE B 138 4.75 13.22 16.82
N CYS B 139 4.94 12.61 17.99
CA CYS B 139 4.89 11.16 18.15
C CYS B 139 3.56 10.81 18.79
N SER B 140 2.81 9.92 18.15
CA SER B 140 1.47 9.55 18.60
C SER B 140 1.45 8.11 19.10
N ILE B 141 0.61 7.87 20.10
CA ILE B 141 0.46 6.56 20.71
C ILE B 141 -1.00 6.13 20.54
N TYR B 142 -1.20 4.92 20.02
CA TYR B 142 -2.53 4.38 19.76
C TYR B 142 -2.77 3.17 20.66
N ASN B 143 -3.96 3.11 21.26
CA ASN B 143 -4.34 2.01 22.13
C ASN B 143 -5.11 0.97 21.32
N LEU B 144 -4.64 -0.28 21.37
CA LEU B 144 -5.26 -1.36 20.61
C LEU B 144 -6.28 -2.15 21.41
N LYS B 145 -6.19 -2.16 22.73
CA LYS B 145 -7.09 -2.93 23.60
C LYS B 145 -7.96 -1.95 24.36
N THR B 146 -9.16 -1.72 23.86
CA THR B 146 -10.13 -0.82 24.46
C THR B 146 -11.46 -1.54 24.64
N ARG B 147 -12.27 -1.03 25.59
CA ARG B 147 -13.59 -1.61 25.81
C ARG B 147 -14.46 -1.47 24.57
N GLU B 148 -14.43 -0.31 23.93
CA GLU B 148 -15.12 -0.12 22.65
C GLU B 148 -14.20 -0.52 21.50
N GLY B 149 -14.79 -1.14 20.49
CA GLY B 149 -14.01 -1.69 19.40
C GLY B 149 -13.55 -0.69 18.37
N ASN B 150 -12.59 0.16 18.73
CA ASN B 150 -12.00 1.09 17.79
C ASN B 150 -10.65 1.52 18.31
N VAL B 151 -9.68 1.72 17.41
CA VAL B 151 -8.36 2.18 17.80
C VAL B 151 -8.39 3.70 17.95
N ARG B 152 -7.99 4.18 19.13
CA ARG B 152 -8.00 5.60 19.44
C ARG B 152 -6.62 6.02 19.93
N VAL B 153 -6.30 7.29 19.67
CA VAL B 153 -5.01 7.85 20.07
C VAL B 153 -5.04 8.18 21.55
N SER B 154 -3.93 7.90 22.23
CA SER B 154 -3.83 8.12 23.67
C SER B 154 -3.14 9.43 24.02
N ARG B 155 -1.93 9.65 23.52
CA ARG B 155 -1.18 10.86 23.81
C ARG B 155 -0.34 11.24 22.59
N GLU B 156 -0.09 12.54 22.47
CA GLU B 156 0.80 13.08 21.43
C GLU B 156 1.99 13.73 22.11
N LEU B 157 3.19 13.33 21.71
CA LEU B 157 4.43 13.82 22.31
C LEU B 157 4.96 14.96 21.47
N ALA B 158 4.90 16.17 22.00
CA ALA B 158 5.38 17.37 21.32
C ALA B 158 6.54 17.99 22.09
N GLY B 159 7.40 18.69 21.35
CA GLY B 159 8.54 19.33 21.95
C GLY B 159 9.79 19.30 21.08
N HIS B 160 9.81 18.38 20.12
CA HIS B 160 10.92 18.31 19.19
C HIS B 160 10.82 19.43 18.15
N THR B 161 11.98 19.81 17.61
CA THR B 161 12.07 20.84 16.59
C THR B 161 12.10 20.25 15.18
N GLY B 162 12.89 19.22 14.96
CA GLY B 162 12.96 18.55 13.67
C GLY B 162 11.90 17.48 13.52
N TYR B 163 12.00 16.74 12.42
CA TYR B 163 11.06 15.67 12.12
C TYR B 163 11.43 14.39 12.85
N LEU B 164 10.41 13.65 13.28
CA LEU B 164 10.63 12.38 13.94
C LEU B 164 11.12 11.35 12.93
N SER B 165 12.19 10.63 13.30
CA SER B 165 12.82 9.67 12.39
C SER B 165 12.74 8.22 12.86
N CYS B 166 12.75 7.97 14.16
CA CYS B 166 12.66 6.61 14.68
C CYS B 166 12.10 6.65 16.09
N CYS B 167 11.55 5.51 16.51
CA CYS B 167 10.98 5.38 17.84
C CYS B 167 10.94 3.90 18.21
N ARG B 168 11.25 3.61 19.47
CA ARG B 168 11.24 2.24 19.96
C ARG B 168 10.71 2.22 21.39
N PHE B 169 9.88 1.23 21.69
CA PHE B 169 9.31 1.11 23.03
C PHE B 169 10.29 0.44 23.99
N LEU B 170 10.25 0.88 25.24
CA LEU B 170 10.94 0.22 26.34
C LEU B 170 9.99 -0.57 27.22
N ASP B 171 8.84 0.02 27.57
CA ASP B 171 7.78 -0.66 28.29
C ASP B 171 6.49 0.10 27.99
N ASP B 172 5.44 -0.17 28.78
CA ASP B 172 4.16 0.47 28.56
C ASP B 172 4.16 1.95 28.90
N ASN B 173 5.20 2.46 29.56
CA ASN B 173 5.23 3.85 30.00
C ASN B 173 6.50 4.59 29.60
N GLN B 174 7.39 3.97 28.84
CA GLN B 174 8.62 4.62 28.42
C GLN B 174 8.85 4.38 26.94
N ILE B 175 9.33 5.42 26.24
CA ILE B 175 9.63 5.35 24.82
C ILE B 175 10.79 6.28 24.51
N VAL B 176 11.60 5.89 23.53
CA VAL B 176 12.75 6.67 23.08
C VAL B 176 12.51 7.07 21.63
N THR B 177 12.66 8.36 21.34
CA THR B 177 12.38 8.90 20.01
C THR B 177 13.63 9.58 19.45
N SER B 178 13.77 9.51 18.13
CA SER B 178 14.85 10.16 17.40
C SER B 178 14.27 11.22 16.47
N SER B 179 14.87 12.41 16.50
CA SER B 179 14.35 13.55 15.76
C SER B 179 15.44 14.17 14.91
N GLY B 180 15.01 15.02 13.98
CA GLY B 180 15.90 15.69 13.06
C GLY B 180 16.55 16.95 13.59
N ASP B 181 16.30 17.30 14.85
CA ASP B 181 16.92 18.46 15.48
C ASP B 181 18.23 18.12 16.18
N THR B 182 18.88 17.03 15.77
CA THR B 182 20.17 16.56 16.28
C THR B 182 20.13 16.16 17.75
N THR B 183 18.93 16.03 18.34
CA THR B 183 18.79 15.67 19.75
C THR B 183 17.86 14.48 19.89
N CYS B 184 18.22 13.57 20.80
CA CYS B 184 17.36 12.46 21.20
C CYS B 184 16.76 12.75 22.56
N ALA B 185 15.67 12.06 22.88
CA ALA B 185 14.97 12.31 24.12
C ALA B 185 14.31 11.03 24.62
N LEU B 186 14.08 10.99 25.92
CA LEU B 186 13.33 9.92 26.58
C LEU B 186 12.04 10.49 27.14
N TRP B 187 10.92 9.89 26.77
CA TRP B 187 9.60 10.42 27.09
C TRP B 187 8.94 9.58 28.19
N ASP B 188 7.80 10.07 28.65
CA ASP B 188 7.02 9.39 29.69
C ASP B 188 5.56 9.56 29.29
N ILE B 189 4.93 8.46 28.85
CA ILE B 189 3.57 8.53 28.32
C ILE B 189 2.59 8.98 29.39
N GLU B 190 2.81 8.57 30.65
CA GLU B 190 1.88 8.93 31.71
C GLU B 190 1.81 10.43 31.91
N THR B 191 2.94 11.12 31.85
CA THR B 191 2.98 12.57 32.07
C THR B 191 3.18 13.37 30.79
N GLY B 192 3.68 12.75 29.71
CA GLY B 192 3.90 13.47 28.48
C GLY B 192 4.98 14.54 28.55
N GLN B 193 6.09 14.24 29.23
CA GLN B 193 7.18 15.19 29.40
C GLN B 193 8.49 14.52 29.06
N GLN B 194 9.45 15.34 28.60
CA GLN B 194 10.79 14.85 28.25
C GLN B 194 11.56 14.58 29.53
N THR B 195 11.70 13.31 29.90
CA THR B 195 12.45 12.94 31.10
C THR B 195 13.93 13.24 30.93
N THR B 196 14.51 12.86 29.80
CA THR B 196 15.93 13.06 29.54
C THR B 196 16.11 13.58 28.11
N THR B 197 17.15 14.39 27.91
CA THR B 197 17.49 14.94 26.61
C THR B 197 18.94 14.62 26.30
N PHE B 198 19.19 14.09 25.10
CA PHE B 198 20.53 13.70 24.67
C PHE B 198 20.99 14.65 23.58
N THR B 199 22.15 15.27 23.79
CA THR B 199 22.73 16.22 22.84
C THR B 199 24.16 15.82 22.53
N GLY B 200 24.68 16.37 21.43
CA GLY B 200 26.04 16.11 21.03
C GLY B 200 26.24 15.93 19.54
N HIS B 201 25.22 15.41 18.86
CA HIS B 201 25.30 15.23 17.42
C HIS B 201 25.20 16.57 16.70
N THR B 202 25.93 16.68 15.59
CA THR B 202 25.89 17.86 14.74
C THR B 202 24.89 17.74 13.59
N GLY B 203 24.77 16.54 13.01
CA GLY B 203 23.76 16.27 12.01
C GLY B 203 22.55 15.59 12.62
N ASP B 204 21.47 15.57 11.84
CA ASP B 204 20.22 14.97 12.32
C ASP B 204 20.35 13.46 12.44
N VAL B 205 19.66 12.91 13.43
CA VAL B 205 19.72 11.48 13.73
C VAL B 205 18.67 10.75 12.91
N MET B 206 19.08 9.66 12.26
CA MET B 206 18.21 8.94 11.35
C MET B 206 17.64 7.64 11.94
N SER B 207 18.37 6.97 12.82
CA SER B 207 17.92 5.67 13.31
C SER B 207 18.52 5.44 14.70
N LEU B 208 17.94 4.46 15.40
CA LEU B 208 18.43 4.04 16.71
C LEU B 208 18.13 2.56 16.90
N SER B 209 18.84 1.94 17.82
CA SER B 209 18.66 0.53 18.13
C SER B 209 18.73 0.33 19.64
N LEU B 210 18.02 -0.68 20.13
CA LEU B 210 17.94 -0.99 21.55
C LEU B 210 18.59 -2.33 21.85
N ALA B 211 19.16 -2.44 23.05
CA ALA B 211 19.74 -3.69 23.50
C ALA B 211 18.67 -4.60 24.08
N PRO B 212 18.87 -5.93 24.01
CA PRO B 212 17.86 -6.85 24.58
C PRO B 212 17.59 -6.62 26.05
N ASP B 213 18.61 -6.22 26.81
CA ASP B 213 18.45 -5.93 28.23
C ASP B 213 18.02 -4.49 28.50
N THR B 214 17.89 -3.67 27.45
CA THR B 214 17.36 -2.31 27.54
C THR B 214 18.08 -1.47 28.59
N ARG B 215 19.41 -1.57 28.61
CA ARG B 215 20.25 -0.72 29.45
C ARG B 215 20.98 0.36 28.68
N LEU B 216 21.28 0.14 27.41
CA LEU B 216 22.00 1.10 26.58
C LEU B 216 21.40 1.10 25.18
N PHE B 217 21.68 2.16 24.42
CA PHE B 217 21.20 2.26 23.05
C PHE B 217 22.19 3.07 22.23
N VAL B 218 22.14 2.86 20.91
CA VAL B 218 23.03 3.54 19.97
C VAL B 218 22.19 4.22 18.90
N SER B 219 22.81 5.18 18.22
CA SER B 219 22.13 5.92 17.17
C SER B 219 23.17 6.41 16.16
N GLY B 220 22.70 6.71 14.96
CA GLY B 220 23.56 7.22 13.90
C GLY B 220 22.97 8.48 13.29
N ALA B 221 23.85 9.38 12.86
CA ALA B 221 23.46 10.67 12.32
C ALA B 221 24.14 10.92 10.98
N CYS B 222 23.84 12.06 10.38
CA CYS B 222 24.44 12.44 9.11
C CYS B 222 25.89 12.91 9.24
N ASP B 223 26.39 13.07 10.47
CA ASP B 223 27.77 13.45 10.69
C ASP B 223 28.75 12.29 10.57
N ALA B 224 28.30 11.17 9.99
CA ALA B 224 29.14 9.99 9.78
C ALA B 224 29.74 9.48 11.09
N SER B 225 28.94 9.50 12.16
CA SER B 225 29.39 9.08 13.46
C SER B 225 28.25 8.40 14.21
N ALA B 226 28.60 7.49 15.11
CA ALA B 226 27.65 6.79 15.96
C ALA B 226 28.07 6.92 17.41
N LYS B 227 27.10 7.06 18.31
CA LYS B 227 27.36 7.26 19.73
C LYS B 227 26.53 6.30 20.56
N LEU B 228 27.06 5.95 21.74
CA LEU B 228 26.38 5.08 22.69
C LEU B 228 25.94 5.92 23.89
N TRP B 229 24.68 5.74 24.29
CA TRP B 229 24.07 6.54 25.34
C TRP B 229 23.61 5.66 26.49
N ASP B 230 23.54 6.25 27.68
CA ASP B 230 23.08 5.59 28.89
C ASP B 230 21.69 6.11 29.25
N VAL B 231 20.75 5.20 29.50
CA VAL B 231 19.36 5.59 29.68
C VAL B 231 19.20 6.43 30.95
N ARG B 232 19.69 5.93 32.08
CA ARG B 232 19.56 6.68 33.33
C ARG B 232 20.52 7.85 33.38
N GLU B 233 21.77 7.65 32.96
CA GLU B 233 22.78 8.69 33.09
C GLU B 233 22.51 9.84 32.13
N GLY B 234 22.00 9.55 30.94
CA GLY B 234 21.73 10.60 29.97
C GLY B 234 22.96 11.21 29.35
N MET B 235 24.08 10.49 29.34
CA MET B 235 25.34 11.02 28.84
C MET B 235 25.98 10.00 27.90
N CYS B 236 26.71 10.51 26.91
CA CYS B 236 27.35 9.65 25.93
C CYS B 236 28.57 8.98 26.55
N ARG B 237 28.77 7.70 26.20
CA ARG B 237 29.88 6.92 26.76
C ARG B 237 30.94 6.55 25.75
N GLN B 238 30.60 6.44 24.46
CA GLN B 238 31.55 5.98 23.46
C GLN B 238 31.09 6.48 22.10
N THR B 239 32.06 6.71 21.22
CA THR B 239 31.80 7.24 19.89
C THR B 239 32.50 6.39 18.85
N PHE B 240 31.85 6.22 17.70
CA PHE B 240 32.38 5.41 16.61
C PHE B 240 32.37 6.21 15.32
N THR B 241 33.45 6.10 14.54
CA THR B 241 33.57 6.77 13.26
C THR B 241 34.15 5.79 12.24
N GLY B 242 34.14 6.20 10.98
CA GLY B 242 34.73 5.40 9.92
C GLY B 242 33.99 5.45 8.60
N HIS B 243 32.72 5.83 8.62
CA HIS B 243 31.95 5.94 7.38
C HIS B 243 32.22 7.28 6.70
N GLU B 244 32.14 7.26 5.37
CA GLU B 244 32.39 8.44 4.55
C GLU B 244 31.13 9.24 4.23
N SER B 245 29.96 8.77 4.66
CA SER B 245 28.71 9.45 4.35
C SER B 245 27.78 9.31 5.54
N ASP B 246 26.53 9.73 5.36
CA ASP B 246 25.55 9.71 6.44
C ASP B 246 25.12 8.29 6.77
N ILE B 247 24.58 8.12 7.98
CA ILE B 247 24.10 6.83 8.45
C ILE B 247 22.61 6.73 8.17
N ASN B 248 22.19 5.63 7.55
CA ASN B 248 20.80 5.43 7.19
C ASN B 248 20.06 4.50 8.15
N ALA B 249 20.70 3.42 8.61
CA ALA B 249 20.06 2.50 9.52
C ALA B 249 21.12 1.86 10.41
N ILE B 250 20.70 1.39 11.58
CA ILE B 250 21.58 0.75 12.55
C ILE B 250 20.87 -0.46 13.15
N CYS B 251 21.63 -1.52 13.39
CA CYS B 251 21.11 -2.73 14.03
C CYS B 251 22.10 -3.19 15.09
N PHE B 252 21.61 -3.92 16.07
CA PHE B 252 22.37 -4.23 17.26
C PHE B 252 22.52 -5.74 17.40
N PHE B 253 23.73 -6.20 17.71
CA PHE B 253 24.03 -7.62 17.70
C PHE B 253 23.36 -8.31 18.90
N PRO B 254 22.97 -9.59 18.73
CA PRO B 254 22.29 -10.29 19.84
C PRO B 254 23.10 -10.39 21.12
N ASN B 255 24.43 -10.49 21.03
CA ASN B 255 25.24 -10.65 22.25
C ASN B 255 25.10 -9.44 23.18
N GLY B 256 25.08 -8.25 22.61
CA GLY B 256 25.07 -7.03 23.40
C GLY B 256 26.35 -6.24 23.41
N ASN B 257 27.37 -6.67 22.65
CA ASN B 257 28.65 -5.99 22.59
C ASN B 257 29.02 -5.51 21.20
N ALA B 258 28.12 -5.65 20.23
CA ALA B 258 28.42 -5.28 18.85
C ALA B 258 27.18 -4.69 18.20
N PHE B 259 27.41 -3.96 17.11
CA PHE B 259 26.32 -3.39 16.31
C PHE B 259 26.83 -3.14 14.91
N ALA B 260 25.89 -3.03 13.96
CA ALA B 260 26.21 -2.80 12.56
C ALA B 260 25.47 -1.58 12.06
N THR B 261 26.06 -0.92 11.06
CA THR B 261 25.52 0.30 10.49
C THR B 261 25.45 0.18 8.97
N GLY B 262 24.69 1.08 8.36
CA GLY B 262 24.57 1.14 6.91
C GLY B 262 24.59 2.56 6.39
N SER B 263 25.35 2.80 5.32
CA SER B 263 25.49 4.14 4.78
C SER B 263 25.21 4.18 3.28
N ASP B 264 25.45 5.32 2.65
CA ASP B 264 25.12 5.52 1.24
C ASP B 264 26.29 5.22 0.31
N ASP B 265 27.44 4.80 0.82
CA ASP B 265 28.60 4.50 0.00
C ASP B 265 28.78 3.00 -0.24
N ALA B 266 27.68 2.25 -0.27
CA ALA B 266 27.70 0.81 -0.53
C ALA B 266 28.63 0.08 0.44
N THR B 267 28.57 0.45 1.71
CA THR B 267 29.50 -0.06 2.69
C THR B 267 28.80 -0.24 4.03
N CYS B 268 29.08 -1.37 4.68
CA CYS B 268 28.57 -1.66 6.02
C CYS B 268 29.74 -2.09 6.90
N ARG B 269 29.68 -1.71 8.18
CA ARG B 269 30.73 -2.03 9.14
C ARG B 269 30.11 -2.65 10.39
N LEU B 270 30.96 -3.39 11.11
CA LEU B 270 30.62 -3.96 12.40
C LEU B 270 31.56 -3.36 13.45
N PHE B 271 30.98 -2.91 14.57
CA PHE B 271 31.74 -2.27 15.62
C PHE B 271 31.61 -3.06 16.92
N ASP B 272 32.69 -3.09 17.69
CA ASP B 272 32.73 -3.77 18.98
C ASP B 272 32.71 -2.76 20.10
N LEU B 273 31.82 -2.96 21.07
CA LEU B 273 31.71 -2.03 22.20
C LEU B 273 32.92 -2.12 23.12
N ARG B 274 33.33 -3.34 23.48
CA ARG B 274 34.45 -3.50 24.40
C ARG B 274 35.78 -3.22 23.71
N ALA B 275 35.95 -3.69 22.48
CA ALA B 275 37.21 -3.52 21.77
C ALA B 275 37.42 -2.08 21.29
N ASP B 276 36.33 -1.32 21.09
CA ASP B 276 36.41 0.07 20.65
C ASP B 276 37.18 0.20 19.34
N GLN B 277 36.93 -0.73 18.41
CA GLN B 277 37.62 -0.71 17.14
C GLN B 277 36.72 -1.33 16.07
N GLU B 278 36.88 -0.85 14.84
CA GLU B 278 36.11 -1.34 13.72
C GLU B 278 36.49 -2.76 13.36
N LEU B 279 35.49 -3.58 13.04
CA LEU B 279 35.70 -4.93 12.56
C LEU B 279 35.76 -4.92 11.03
N MET B 280 35.64 -6.10 10.42
CA MET B 280 35.74 -6.22 8.97
C MET B 280 34.64 -5.41 8.28
N THR B 281 34.80 -5.25 6.96
CA THR B 281 33.92 -4.44 6.14
C THR B 281 33.22 -5.32 5.11
N TYR B 282 31.90 -5.14 4.99
CA TYR B 282 31.08 -5.87 4.04
C TYR B 282 30.74 -4.94 2.89
N SER B 283 31.41 -5.14 1.75
CA SER B 283 31.18 -4.31 0.58
C SER B 283 31.58 -5.10 -0.66
N HIS B 284 31.07 -4.65 -1.81
CA HIS B 284 31.35 -5.28 -3.09
C HIS B 284 31.58 -4.21 -4.14
N ASP B 285 32.39 -4.56 -5.15
CA ASP B 285 32.70 -3.62 -6.21
C ASP B 285 31.56 -3.45 -7.21
N ASN B 286 30.60 -4.38 -7.24
CA ASN B 286 29.47 -4.31 -8.15
C ASN B 286 28.30 -3.52 -7.60
N ILE B 287 28.44 -2.96 -6.39
CA ILE B 287 27.38 -2.19 -5.74
C ILE B 287 27.84 -0.75 -5.64
N ILE B 288 27.02 0.17 -6.14
CA ILE B 288 27.34 1.60 -6.11
C ILE B 288 26.21 2.34 -5.40
N CYS B 289 25.17 1.62 -5.02
CA CYS B 289 24.02 2.21 -4.37
C CYS B 289 24.23 2.28 -2.86
N GLY B 290 23.19 2.66 -2.13
CA GLY B 290 23.26 2.88 -0.69
C GLY B 290 22.43 1.87 0.07
N ILE B 291 22.81 1.63 1.33
CA ILE B 291 22.07 0.73 2.19
C ILE B 291 20.94 1.50 2.87
N THR B 292 19.74 0.90 2.89
CA THR B 292 18.59 1.51 3.53
C THR B 292 18.26 0.93 4.90
N SER B 293 18.42 -0.38 5.08
CA SER B 293 18.13 -1.01 6.37
C SER B 293 19.00 -2.24 6.54
N VAL B 294 19.24 -2.62 7.80
CA VAL B 294 20.06 -3.76 8.14
C VAL B 294 19.39 -4.56 9.24
N SER B 295 19.75 -5.84 9.34
CA SER B 295 19.22 -6.72 10.37
C SER B 295 20.12 -7.93 10.51
N PHE B 296 19.96 -8.64 11.62
CA PHE B 296 20.68 -9.87 11.91
C PHE B 296 19.72 -11.04 12.02
N SER B 297 20.27 -12.25 11.88
CA SER B 297 19.51 -13.47 12.12
C SER B 297 19.41 -13.75 13.62
N LYS B 298 18.71 -14.84 13.95
CA LYS B 298 18.54 -15.20 15.35
C LYS B 298 19.89 -15.54 16.00
N SER B 299 20.74 -16.27 15.29
CA SER B 299 22.05 -16.65 15.80
C SER B 299 23.14 -15.66 15.41
N GLY B 300 22.82 -14.63 14.63
CA GLY B 300 23.82 -13.65 14.24
C GLY B 300 24.82 -14.14 13.21
N ARG B 301 24.46 -15.19 12.44
CA ARG B 301 25.36 -15.72 11.44
C ARG B 301 25.23 -15.03 10.09
N LEU B 302 24.02 -14.57 9.74
CA LEU B 302 23.76 -13.95 8.45
C LEU B 302 23.33 -12.51 8.65
N LEU B 303 23.81 -11.63 7.77
CA LEU B 303 23.47 -10.21 7.79
C LEU B 303 22.66 -9.86 6.55
N LEU B 304 21.49 -9.27 6.76
CA LEU B 304 20.59 -8.88 5.67
C LEU B 304 20.52 -7.36 5.58
N ALA B 305 20.72 -6.83 4.37
CA ALA B 305 20.75 -5.39 4.16
C ALA B 305 20.00 -5.04 2.88
N GLY B 306 19.08 -4.08 2.98
CA GLY B 306 18.42 -3.55 1.80
C GLY B 306 19.26 -2.50 1.09
N TYR B 307 19.02 -2.35 -0.21
CA TYR B 307 19.82 -1.48 -1.07
C TYR B 307 18.89 -0.69 -1.99
N ASP B 308 19.49 0.22 -2.77
CA ASP B 308 18.76 0.99 -3.77
C ASP B 308 18.56 0.23 -5.07
N ASP B 309 19.24 -0.92 -5.25
CA ASP B 309 19.21 -1.65 -6.51
C ASP B 309 18.04 -2.62 -6.61
N PHE B 310 16.99 -2.43 -5.81
CA PHE B 310 15.74 -3.20 -5.79
C PHE B 310 15.96 -4.60 -5.23
N ASN B 311 17.13 -4.92 -4.68
CA ASN B 311 17.45 -6.24 -4.20
C ASN B 311 17.82 -6.19 -2.73
N CYS B 312 17.81 -7.36 -2.09
CA CYS B 312 18.20 -7.50 -0.70
C CYS B 312 19.35 -8.51 -0.62
N ASN B 313 20.57 -8.01 -0.45
CA ASN B 313 21.73 -8.87 -0.38
C ASN B 313 21.82 -9.55 0.98
N VAL B 314 22.37 -10.76 0.98
CA VAL B 314 22.57 -11.53 2.21
C VAL B 314 24.06 -11.81 2.34
N TRP B 315 24.62 -11.44 3.50
CA TRP B 315 26.05 -11.55 3.74
C TRP B 315 26.33 -12.53 4.88
N ASP B 316 27.56 -13.00 4.93
CA ASP B 316 28.03 -13.84 6.02
C ASP B 316 28.70 -12.96 7.07
N ALA B 317 28.19 -13.01 8.30
CA ALA B 317 28.67 -12.12 9.35
C ALA B 317 30.07 -12.47 9.84
N LEU B 318 30.60 -13.65 9.46
CA LEU B 318 31.89 -14.09 9.94
C LEU B 318 32.97 -14.16 8.86
N LYS B 319 32.61 -14.43 7.61
CA LYS B 319 33.59 -14.55 6.54
C LYS B 319 33.49 -13.43 5.51
N ALA B 320 32.55 -12.50 5.66
CA ALA B 320 32.38 -11.38 4.74
C ALA B 320 32.17 -11.84 3.31
N ASP B 321 31.44 -12.93 3.12
CA ASP B 321 31.14 -13.47 1.80
C ASP B 321 29.63 -13.38 1.56
N ARG B 322 29.26 -12.85 0.40
CA ARG B 322 27.85 -12.71 0.04
C ARG B 322 27.32 -14.05 -0.44
N ALA B 323 26.25 -14.54 0.20
CA ALA B 323 25.64 -15.82 -0.12
C ALA B 323 24.12 -15.65 -0.08
N GLY B 324 23.52 -15.36 -1.23
CA GLY B 324 22.08 -15.23 -1.32
C GLY B 324 21.61 -13.88 -1.79
N VAL B 325 20.61 -13.87 -2.67
CA VAL B 325 20.02 -12.64 -3.18
C VAL B 325 18.51 -12.77 -3.11
N LEU B 326 17.85 -11.74 -2.58
CA LEU B 326 16.40 -11.71 -2.44
C LEU B 326 15.84 -10.71 -3.45
N ALA B 327 15.54 -11.20 -4.65
CA ALA B 327 14.99 -10.38 -5.73
C ALA B 327 13.51 -10.65 -5.89
N GLY B 328 12.80 -9.66 -6.43
CA GLY B 328 11.37 -9.80 -6.63
C GLY B 328 10.59 -8.51 -6.42
N HIS B 329 11.25 -7.46 -5.97
CA HIS B 329 10.62 -6.18 -5.73
C HIS B 329 10.79 -5.27 -6.94
N ASP B 330 9.78 -4.44 -7.19
CA ASP B 330 9.75 -3.56 -8.35
C ASP B 330 10.31 -2.18 -8.07
N ASN B 331 10.66 -1.88 -6.83
CA ASN B 331 11.21 -0.58 -6.46
C ASN B 331 12.17 -0.79 -5.30
N ARG B 332 12.67 0.32 -4.74
CA ARG B 332 13.67 0.22 -3.69
C ARG B 332 13.07 -0.40 -2.42
N VAL B 333 13.88 -1.19 -1.73
CA VAL B 333 13.49 -1.73 -0.42
C VAL B 333 13.76 -0.68 0.64
N SER B 334 12.72 -0.28 1.36
CA SER B 334 12.83 0.79 2.34
C SER B 334 13.00 0.30 3.77
N CYS B 335 12.66 -0.96 4.05
CA CYS B 335 12.72 -1.46 5.42
C CYS B 335 12.91 -2.98 5.39
N LEU B 336 13.38 -3.50 6.53
CA LEU B 336 13.61 -4.92 6.71
C LEU B 336 13.14 -5.33 8.10
N GLY B 337 13.09 -6.63 8.34
CA GLY B 337 12.71 -7.14 9.63
C GLY B 337 12.83 -8.64 9.76
N VAL B 338 13.44 -9.10 10.85
CA VAL B 338 13.59 -10.52 11.14
C VAL B 338 12.76 -10.84 12.38
N THR B 339 11.94 -11.87 12.29
CA THR B 339 11.04 -12.22 13.37
C THR B 339 11.81 -12.72 14.59
N ASP B 340 11.12 -12.76 15.73
CA ASP B 340 11.79 -13.05 17.00
C ASP B 340 12.39 -14.45 17.01
N ASP B 341 11.66 -15.45 16.53
CA ASP B 341 12.14 -16.83 16.55
C ASP B 341 12.93 -17.20 15.31
N GLY B 342 13.07 -16.30 14.35
CA GLY B 342 13.85 -16.56 13.15
C GLY B 342 13.16 -17.41 12.11
N MET B 343 11.85 -17.62 12.22
CA MET B 343 11.15 -18.47 11.26
C MET B 343 11.18 -17.87 9.86
N ALA B 344 10.98 -16.56 9.75
CA ALA B 344 10.85 -15.90 8.45
C ALA B 344 11.47 -14.52 8.51
N VAL B 345 11.53 -13.86 7.36
CA VAL B 345 12.03 -12.49 7.24
C VAL B 345 11.09 -11.72 6.31
N ALA B 346 10.77 -10.48 6.68
CA ALA B 346 9.83 -9.66 5.94
C ALA B 346 10.54 -8.45 5.35
N THR B 347 10.17 -8.08 4.13
CA THR B 347 10.74 -6.94 3.43
C THR B 347 9.63 -6.02 2.96
N GLY B 348 9.93 -4.71 2.98
CA GLY B 348 9.03 -3.71 2.46
C GLY B 348 9.71 -2.92 1.34
N SER B 349 8.88 -2.27 0.52
CA SER B 349 9.41 -1.58 -0.65
C SER B 349 8.48 -0.43 -1.02
N TRP B 350 8.97 0.42 -1.92
CA TRP B 350 8.21 1.56 -2.42
C TRP B 350 7.11 1.16 -3.39
N ASP B 351 7.06 -0.09 -3.82
CA ASP B 351 5.99 -0.57 -4.69
C ASP B 351 4.73 -0.94 -3.93
N SER B 352 4.64 -0.58 -2.64
CA SER B 352 3.47 -0.83 -1.80
C SER B 352 3.17 -2.32 -1.68
N PHE B 353 4.21 -3.14 -1.64
CA PHE B 353 4.06 -4.59 -1.49
C PHE B 353 4.99 -5.09 -0.40
N LEU B 354 4.49 -6.02 0.42
CA LEU B 354 5.26 -6.67 1.46
C LEU B 354 5.38 -8.15 1.14
N LYS B 355 6.59 -8.69 1.23
CA LYS B 355 6.87 -10.09 0.92
C LYS B 355 7.51 -10.76 2.13
N ILE B 356 7.05 -11.97 2.42
CA ILE B 356 7.59 -12.77 3.52
C ILE B 356 8.40 -13.91 2.91
N TRP B 357 9.67 -13.99 3.30
CA TRP B 357 10.58 -15.01 2.78
C TRP B 357 10.86 -16.07 3.85
N ASN B 358 11.35 -17.22 3.38
CA ASN B 358 11.69 -18.32 4.28
C ASN B 358 12.79 -19.19 3.70
N ALA C 137 1.76 -25.37 -53.73
CA ALA C 137 2.75 -25.60 -52.69
C ALA C 137 3.21 -24.29 -52.08
N SER C 138 3.46 -23.28 -52.92
CA SER C 138 3.85 -21.96 -52.40
C SER C 138 2.70 -21.29 -51.68
N LEU C 139 1.47 -21.50 -52.14
CA LEU C 139 0.31 -20.90 -51.48
C LEU C 139 0.13 -21.45 -50.07
N TYR C 140 0.29 -22.76 -49.87
CA TYR C 140 0.16 -23.27 -48.49
C TYR C 140 1.15 -22.59 -47.54
N SER C 141 2.41 -22.51 -47.95
CA SER C 141 3.39 -21.95 -47.02
C SER C 141 3.07 -20.50 -46.69
N LEU C 142 2.49 -19.76 -47.63
CA LEU C 142 2.20 -18.36 -47.40
C LEU C 142 1.19 -18.16 -46.27
N MET C 143 0.13 -18.98 -46.26
CA MET C 143 -0.90 -18.85 -45.23
C MET C 143 -0.51 -19.52 -43.92
N SER C 144 0.51 -20.38 -43.92
CA SER C 144 0.97 -21.01 -42.70
C SER C 144 1.76 -20.05 -41.80
N LEU C 145 2.47 -19.08 -42.38
CA LEU C 145 3.21 -18.12 -41.58
C LEU C 145 2.27 -17.19 -40.82
N ILE C 146 1.15 -16.83 -41.43
CA ILE C 146 0.18 -15.96 -40.77
C ILE C 146 -0.40 -16.65 -39.54
N ILE C 147 -0.71 -17.94 -39.66
CA ILE C 147 -1.27 -18.68 -38.52
C ILE C 147 -0.27 -18.73 -37.37
N LEU C 148 1.00 -19.02 -37.67
CA LEU C 148 2.02 -19.10 -36.62
C LEU C 148 2.26 -17.73 -36.00
N ALA C 149 2.29 -16.67 -36.81
CA ALA C 149 2.59 -15.35 -36.27
C ALA C 149 1.52 -14.88 -35.30
N THR C 150 0.24 -15.20 -35.46
CA THR C 150 -0.86 -14.67 -34.57
C THR C 150 -0.79 -15.21 -33.14
N LEU C 151 -1.06 -16.51 -32.95
CA LEU C 151 -0.99 -17.15 -31.60
C LEU C 151 0.25 -16.68 -30.82
N VAL C 152 1.44 -16.65 -31.42
CA VAL C 152 2.68 -16.30 -30.66
C VAL C 152 2.51 -14.92 -30.00
N GLY C 153 2.32 -13.86 -30.80
CA GLY C 153 2.15 -12.50 -30.25
C GLY C 153 1.05 -12.45 -29.22
N ASN C 154 -0.06 -13.10 -29.51
CA ASN C 154 -1.15 -12.89 -28.55
C ASN C 154 -0.82 -13.57 -27.21
N LEU C 155 -0.27 -14.77 -27.21
CA LEU C 155 0.13 -15.47 -25.95
C LEU C 155 1.24 -14.68 -25.22
N ILE C 156 2.18 -14.09 -25.95
CA ILE C 156 3.19 -13.24 -25.28
C ILE C 156 2.44 -12.13 -24.54
N VAL C 157 1.59 -11.36 -25.22
CA VAL C 157 0.95 -10.21 -24.52
C VAL C 157 0.03 -10.71 -23.40
N ILE C 158 -0.44 -11.94 -23.49
CA ILE C 158 -1.45 -12.42 -22.50
C ILE C 158 -0.68 -12.86 -21.26
N ILE C 159 0.56 -13.30 -21.48
CA ILE C 159 1.40 -13.65 -20.29
C ILE C 159 2.03 -12.40 -19.64
N SER C 160 2.74 -11.60 -20.43
CA SER C 160 3.33 -10.36 -19.90
C SER C 160 2.33 -9.53 -19.10
N ILE C 161 1.02 -9.63 -19.33
CA ILE C 161 0.15 -8.71 -18.52
C ILE C 161 -0.47 -9.42 -17.32
N SER C 162 -0.54 -10.74 -17.32
CA SER C 162 -1.21 -11.43 -16.20
C SER C 162 -0.28 -11.79 -15.10
N HIS C 163 0.97 -11.99 -15.49
CA HIS C 163 1.98 -12.32 -14.49
C HIS C 163 2.67 -11.10 -13.89
N PHE C 164 3.04 -10.14 -14.75
CA PHE C 164 3.76 -8.93 -14.27
C PHE C 164 2.78 -8.02 -13.51
N LYS C 165 3.07 -7.76 -12.23
CA LYS C 165 2.19 -6.92 -11.43
C LYS C 165 2.34 -5.43 -11.76
N GLN C 166 3.42 -5.03 -12.42
CA GLN C 166 3.62 -3.63 -12.75
C GLN C 166 2.55 -3.13 -13.71
N LEU C 167 2.20 -3.93 -14.70
CA LEU C 167 1.22 -3.55 -15.72
C LEU C 167 -0.19 -3.99 -15.33
N HIS C 168 -0.63 -3.58 -14.14
CA HIS C 168 -1.98 -3.87 -13.66
C HIS C 168 -2.89 -2.64 -13.72
N THR C 169 -2.53 -1.66 -14.56
CA THR C 169 -3.37 -0.48 -14.74
C THR C 169 -4.65 -0.85 -15.49
N PRO C 170 -5.73 -0.10 -15.30
CA PRO C 170 -6.97 -0.40 -16.03
C PRO C 170 -6.82 -0.32 -17.54
N THR C 171 -5.85 0.46 -18.03
CA THR C 171 -5.64 0.57 -19.47
C THR C 171 -5.17 -0.74 -20.10
N ASN C 172 -4.31 -1.48 -19.42
CA ASN C 172 -3.75 -2.71 -19.96
C ASN C 172 -4.74 -3.88 -19.95
N TRP C 173 -5.80 -3.81 -19.15
CA TRP C 173 -6.78 -4.90 -19.13
C TRP C 173 -7.52 -5.03 -20.45
N LEU C 174 -7.86 -3.90 -21.08
CA LEU C 174 -8.53 -3.96 -22.38
C LEU C 174 -7.60 -4.53 -23.45
N LEU C 175 -6.31 -4.18 -23.39
CA LEU C 175 -5.33 -4.76 -24.30
C LEU C 175 -5.21 -6.27 -24.07
N HIS C 176 -5.24 -6.70 -22.81
CA HIS C 176 -5.22 -8.13 -22.51
C HIS C 176 -6.44 -8.83 -23.09
N SER C 177 -7.61 -8.22 -22.94
CA SER C 177 -8.83 -8.81 -23.51
C SER C 177 -8.75 -8.90 -25.02
N MET C 178 -8.23 -7.85 -25.68
CA MET C 178 -8.09 -7.87 -27.13
C MET C 178 -7.10 -8.95 -27.56
N ALA C 179 -6.01 -9.12 -26.81
CA ALA C 179 -5.05 -10.17 -27.12
C ALA C 179 -5.68 -11.55 -26.98
N ILE C 180 -6.51 -11.75 -25.95
CA ILE C 180 -7.20 -13.02 -25.78
C ILE C 180 -8.15 -13.27 -26.94
N VAL C 181 -8.87 -12.23 -27.38
CA VAL C 181 -9.79 -12.35 -28.51
C VAL C 181 -9.03 -12.74 -29.77
N ASP C 182 -7.99 -12.06 -30.19
CA ASP C 182 -7.29 -12.53 -31.42
C ASP C 182 -6.53 -13.85 -31.19
N PHE C 183 -6.10 -14.23 -29.96
CA PHE C 183 -5.60 -15.60 -29.81
C PHE C 183 -6.69 -16.62 -30.10
N LEU C 184 -7.90 -16.38 -29.59
CA LEU C 184 -9.01 -17.29 -29.87
C LEU C 184 -9.33 -17.32 -31.36
N LEU C 185 -9.34 -16.15 -32.00
CA LEU C 185 -9.56 -16.10 -33.45
C LEU C 185 -8.51 -16.92 -34.19
N GLY C 186 -7.24 -16.71 -33.85
CA GLY C 186 -6.17 -17.41 -34.55
C GLY C 186 -6.20 -18.92 -34.33
N CYS C 187 -6.57 -19.36 -33.13
CA CYS C 187 -6.55 -20.78 -32.83
C CYS C 187 -7.88 -21.49 -33.11
N LEU C 188 -8.92 -20.77 -33.53
CA LEU C 188 -10.14 -21.42 -34.01
C LEU C 188 -10.36 -21.23 -35.51
N ILE C 189 -10.44 -19.99 -35.99
CA ILE C 189 -10.89 -19.75 -37.36
C ILE C 189 -9.86 -20.21 -38.38
N MET C 190 -8.59 -19.89 -38.16
CA MET C 190 -7.59 -20.03 -39.22
C MET C 190 -7.41 -21.45 -39.75
N PRO C 191 -7.41 -22.47 -38.94
CA PRO C 191 -7.10 -23.78 -39.59
C PRO C 191 -8.07 -24.32 -40.65
N CYS C 192 -9.34 -24.29 -40.29
CA CYS C 192 -10.36 -24.82 -41.19
C CYS C 192 -10.55 -23.99 -42.42
N SER C 193 -10.52 -22.67 -42.28
CA SER C 193 -10.58 -21.82 -43.43
C SER C 193 -9.49 -22.18 -44.37
N MET C 194 -8.31 -22.53 -43.89
CA MET C 194 -7.18 -22.99 -44.74
C MET C 194 -7.40 -24.27 -45.50
N VAL C 195 -7.83 -25.31 -44.77
CA VAL C 195 -8.11 -26.52 -45.57
C VAL C 195 -9.09 -26.16 -46.60
N ARG C 196 -10.06 -25.32 -46.25
CA ARG C 196 -11.09 -24.99 -47.17
C ARG C 196 -10.59 -24.26 -48.38
N THR C 197 -9.84 -23.22 -48.23
CA THR C 197 -9.43 -22.46 -49.37
C THR C 197 -8.71 -23.44 -50.24
N VAL C 198 -7.86 -24.26 -49.63
CA VAL C 198 -7.09 -25.13 -50.53
C VAL C 198 -7.88 -26.26 -51.27
N GLU C 199 -8.84 -26.91 -50.63
CA GLU C 199 -9.51 -27.99 -51.30
C GLU C 199 -10.57 -27.40 -52.17
N ARG C 200 -10.76 -26.10 -52.07
CA ARG C 200 -11.82 -25.46 -52.80
C ARG C 200 -13.04 -26.27 -52.50
N CYS C 201 -13.16 -26.73 -51.27
CA CYS C 201 -14.38 -27.42 -50.89
C CYS C 201 -14.44 -27.54 -49.38
N TRP C 202 -15.65 -27.80 -48.88
CA TRP C 202 -15.90 -27.95 -47.44
C TRP C 202 -16.50 -29.33 -47.21
N TYR C 203 -15.65 -30.26 -46.82
CA TYR C 203 -16.16 -31.62 -46.54
C TYR C 203 -16.26 -31.86 -45.03
N PHE C 204 -16.85 -30.95 -44.27
CA PHE C 204 -16.94 -31.26 -42.82
C PHE C 204 -18.37 -31.13 -42.29
N GLY C 205 -19.40 -31.18 -43.16
CA GLY C 205 -20.78 -31.18 -42.63
C GLY C 205 -21.63 -29.97 -42.99
N GLU C 206 -22.76 -29.80 -42.29
CA GLU C 206 -23.64 -28.62 -42.51
C GLU C 206 -24.06 -28.08 -41.15
N ILE C 207 -23.89 -28.87 -40.10
CA ILE C 207 -24.15 -28.30 -38.75
C ILE C 207 -22.79 -27.78 -38.24
N LEU C 208 -21.84 -27.70 -39.14
CA LEU C 208 -20.54 -27.12 -38.75
C LEU C 208 -20.27 -25.88 -39.62
N CYS C 209 -20.67 -25.86 -40.90
CA CYS C 209 -20.57 -24.61 -41.70
C CYS C 209 -21.29 -23.55 -40.96
N LYS C 210 -22.46 -23.86 -40.46
CA LYS C 210 -23.16 -22.76 -39.81
C LYS C 210 -22.45 -22.27 -38.57
N VAL C 211 -21.86 -23.19 -37.83
CA VAL C 211 -21.12 -22.80 -36.65
C VAL C 211 -19.91 -21.95 -37.02
N HIS C 212 -19.21 -22.33 -38.03
CA HIS C 212 -18.11 -21.53 -38.45
C HIS C 212 -18.55 -20.13 -38.87
N THR C 213 -19.59 -19.98 -39.69
CA THR C 213 -19.89 -18.65 -40.15
C THR C 213 -20.16 -17.88 -38.92
N SER C 214 -20.84 -18.45 -37.99
CA SER C 214 -21.18 -17.62 -36.84
C SER C 214 -20.06 -17.21 -35.91
N THR C 215 -19.08 -18.07 -35.74
CA THR C 215 -17.90 -17.70 -34.93
C THR C 215 -16.85 -16.87 -35.73
N ASP C 216 -16.91 -16.84 -37.04
CA ASP C 216 -16.00 -15.95 -37.74
C ASP C 216 -16.49 -14.53 -37.65
N ILE C 217 -17.78 -14.29 -37.72
CA ILE C 217 -18.32 -12.98 -37.61
C ILE C 217 -18.16 -12.47 -36.22
N MET C 218 -18.38 -13.29 -35.27
CA MET C 218 -18.42 -12.78 -33.94
C MET C 218 -17.10 -12.32 -33.45
N LEU C 219 -16.09 -12.98 -33.89
CA LEU C 219 -14.80 -12.65 -33.40
C LEU C 219 -14.23 -11.50 -34.16
N SER C 220 -14.62 -11.28 -35.41
CA SER C 220 -14.10 -10.06 -36.12
C SER C 220 -14.65 -8.78 -35.47
N SER C 221 -15.91 -8.77 -35.04
CA SER C 221 -16.59 -7.61 -34.45
C SER C 221 -15.99 -7.27 -33.08
N ALA C 222 -15.64 -8.29 -32.30
CA ALA C 222 -15.01 -8.03 -31.00
C ALA C 222 -13.67 -7.33 -31.17
N SER C 223 -12.86 -7.77 -32.13
CA SER C 223 -11.58 -7.11 -32.37
C SER C 223 -11.76 -5.66 -32.79
N ILE C 224 -12.71 -5.40 -33.69
CA ILE C 224 -12.94 -4.03 -34.15
C ILE C 224 -13.42 -3.16 -33.00
N PHE C 225 -14.32 -3.69 -32.16
CA PHE C 225 -14.81 -2.94 -31.01
C PHE C 225 -13.69 -2.65 -30.03
N HIS C 226 -12.77 -3.61 -29.83
CA HIS C 226 -11.63 -3.38 -28.95
C HIS C 226 -10.75 -2.26 -29.49
N LEU C 227 -10.52 -2.25 -30.80
CA LEU C 227 -9.74 -1.16 -31.39
C LEU C 227 -10.41 0.19 -31.19
N ALA C 228 -11.74 0.24 -31.40
CA ALA C 228 -12.45 1.50 -31.21
C ALA C 228 -12.38 1.97 -29.77
N PHE C 229 -12.50 1.05 -28.82
CA PHE C 229 -12.41 1.43 -27.40
C PHE C 229 -11.00 1.86 -27.03
N ILE C 230 -9.98 1.27 -27.65
CA ILE C 230 -8.61 1.75 -27.44
C ILE C 230 -8.46 3.18 -27.92
N SER C 231 -9.02 3.49 -29.09
CA SER C 231 -8.98 4.86 -29.60
C SER C 231 -9.71 5.81 -28.66
N ILE C 232 -10.87 5.39 -28.14
CA ILE C 232 -11.62 6.24 -27.22
C ILE C 232 -10.81 6.50 -25.94
N ASP C 233 -10.15 5.46 -25.42
CA ASP C 233 -9.33 5.64 -24.23
C ASP C 233 -8.17 6.59 -24.49
N ARG C 234 -7.54 6.48 -25.67
CA ARG C 234 -6.47 7.40 -26.02
C ARG C 234 -6.98 8.85 -26.08
N TYR C 235 -8.16 9.04 -26.67
CA TYR C 235 -8.75 10.38 -26.73
C TYR C 235 -9.01 10.93 -25.33
N CYS C 236 -9.56 10.09 -24.45
CA CYS C 236 -9.86 10.53 -23.09
C CYS C 236 -8.58 10.89 -22.35
N ALA C 237 -7.52 10.10 -22.54
CA ALA C 237 -6.24 10.40 -21.90
C ALA C 237 -5.65 11.70 -22.42
N VAL C 238 -5.76 11.95 -23.74
CA VAL C 238 -5.08 13.11 -24.32
C VAL C 238 -5.85 14.40 -24.04
N CYS C 239 -7.15 14.42 -24.31
CA CYS C 239 -7.91 15.65 -24.26
C CYS C 239 -8.42 16.01 -22.87
N ASP C 240 -8.26 15.13 -21.89
CA ASP C 240 -8.69 15.40 -20.51
C ASP C 240 -7.56 14.98 -19.57
N PRO C 241 -6.53 15.83 -19.44
CA PRO C 241 -5.35 15.43 -18.65
C PRO C 241 -5.60 15.40 -17.15
N LEU C 242 -6.35 16.38 -16.65
CA LEU C 242 -6.55 16.51 -15.22
C LEU C 242 -7.62 15.57 -14.67
N ARG C 243 -8.41 14.92 -15.53
CA ARG C 243 -9.46 14.02 -15.07
C ARG C 243 -9.31 12.63 -15.70
N TYR C 244 -8.12 12.27 -16.17
CA TYR C 244 -7.94 10.98 -16.83
C TYR C 244 -8.05 9.83 -15.83
N LYS C 245 -7.39 9.94 -14.69
CA LYS C 245 -7.39 8.84 -13.73
C LYS C 245 -8.75 8.65 -13.08
N ALA C 246 -9.49 9.74 -12.86
CA ALA C 246 -10.80 9.61 -12.24
C ALA C 246 -11.83 9.00 -13.17
N LYS C 247 -11.97 9.41 -14.42
CA LYS C 247 -12.90 8.85 -15.36
C LYS C 247 -12.50 7.50 -15.93
N ILE C 248 -11.22 7.24 -16.11
CA ILE C 248 -10.79 5.93 -16.63
C ILE C 248 -10.34 5.12 -15.42
N ASN C 249 -11.24 4.28 -14.92
CA ASN C 249 -10.97 3.37 -13.82
C ASN C 249 -11.33 1.94 -14.22
N ILE C 250 -11.22 1.02 -13.27
CA ILE C 250 -11.49 -0.38 -13.56
C ILE C 250 -12.98 -0.59 -13.88
N SER C 251 -13.85 0.08 -13.21
CA SER C 251 -15.27 0.02 -13.47
C SER C 251 -15.75 0.43 -14.83
N THR C 252 -15.01 1.23 -15.57
CA THR C 252 -15.32 1.56 -16.96
C THR C 252 -14.68 0.57 -17.93
N ILE C 253 -13.45 0.13 -17.63
CA ILE C 253 -12.78 -0.84 -18.49
C ILE C 253 -13.54 -2.17 -18.47
N LEU C 254 -14.04 -2.57 -17.30
CA LEU C 254 -14.84 -3.79 -17.23
C LEU C 254 -16.10 -3.68 -18.06
N VAL C 255 -16.79 -2.54 -17.96
CA VAL C 255 -18.00 -2.34 -18.77
C VAL C 255 -17.67 -2.41 -20.25
N MET C 256 -16.56 -1.78 -20.65
CA MET C 256 -16.14 -1.83 -22.06
C MET C 256 -15.87 -3.26 -22.50
N ILE C 257 -15.18 -4.05 -21.67
CA ILE C 257 -14.83 -5.42 -22.05
C ILE C 257 -16.09 -6.27 -22.19
N LEU C 258 -16.99 -6.23 -21.23
CA LEU C 258 -18.27 -6.94 -21.36
C LEU C 258 -18.95 -6.51 -22.64
N VAL C 259 -19.16 -5.24 -22.77
CA VAL C 259 -19.93 -4.77 -23.92
C VAL C 259 -19.33 -5.32 -25.21
N SER C 260 -18.01 -5.24 -25.35
CA SER C 260 -17.35 -5.73 -26.55
C SER C 260 -17.54 -7.23 -26.72
N TRP C 261 -17.61 -8.06 -25.73
CA TRP C 261 -17.80 -9.49 -26.02
C TRP C 261 -19.26 -9.79 -26.15
N SER C 262 -20.13 -9.01 -25.50
CA SER C 262 -21.52 -9.43 -25.51
C SER C 262 -22.29 -8.92 -26.73
N LEU C 263 -22.02 -7.71 -27.19
CA LEU C 263 -22.82 -7.14 -28.28
C LEU C 263 -22.75 -7.97 -29.56
N PRO C 264 -21.59 -8.37 -30.07
CA PRO C 264 -21.58 -9.25 -31.25
C PRO C 264 -22.15 -10.63 -30.99
N ALA C 265 -22.17 -11.10 -29.73
CA ALA C 265 -22.65 -12.44 -29.44
C ALA C 265 -24.15 -12.58 -29.68
N VAL C 266 -24.91 -11.52 -29.40
CA VAL C 266 -26.37 -11.56 -29.51
C VAL C 266 -26.74 -11.22 -30.94
N TYR C 267 -25.75 -10.88 -31.76
CA TYR C 267 -26.05 -10.44 -33.15
C TYR C 267 -25.63 -11.51 -34.17
N ALA C 268 -24.41 -12.04 -34.06
CA ALA C 268 -23.92 -12.99 -35.06
C ALA C 268 -24.70 -14.30 -35.01
N PHE C 269 -24.86 -14.88 -33.82
CA PHE C 269 -25.58 -16.14 -33.69
C PHE C 269 -27.04 -15.98 -34.09
N GLY C 270 -27.67 -14.87 -33.70
CA GLY C 270 -29.05 -14.64 -34.08
C GLY C 270 -29.23 -14.50 -35.57
N MET C 271 -28.36 -13.78 -36.26
CA MET C 271 -28.64 -13.67 -37.73
C MET C 271 -28.24 -14.96 -38.43
N ILE C 272 -27.18 -15.65 -37.99
CA ILE C 272 -26.84 -16.87 -38.73
C ILE C 272 -27.87 -17.96 -38.50
N PHE C 273 -28.11 -18.32 -37.22
CA PHE C 273 -28.94 -19.48 -36.93
C PHE C 273 -30.39 -19.26 -37.36
N LEU C 274 -30.95 -18.08 -37.09
CA LEU C 274 -32.34 -17.82 -37.46
C LEU C 274 -32.46 -17.32 -38.90
N GLU C 275 -31.34 -17.11 -39.58
CA GLU C 275 -31.30 -16.73 -41.00
C GLU C 275 -32.00 -15.39 -41.25
N LEU C 276 -31.41 -14.33 -40.68
CA LEU C 276 -31.83 -12.96 -40.96
C LEU C 276 -31.35 -12.45 -42.31
N ASN C 277 -30.43 -13.18 -42.95
CA ASN C 277 -29.78 -12.69 -44.16
C ASN C 277 -30.13 -13.46 -45.42
N LEU C 278 -30.79 -14.61 -45.31
CA LEU C 278 -31.14 -15.43 -46.46
C LEU C 278 -32.57 -15.24 -46.91
N LYS C 279 -33.29 -14.26 -46.35
CA LYS C 279 -34.69 -14.07 -46.68
C LYS C 279 -34.84 -13.51 -48.10
N GLY C 280 -35.68 -14.16 -48.90
CA GLY C 280 -35.99 -13.69 -50.23
C GLY C 280 -35.01 -14.04 -51.32
N VAL C 281 -33.87 -14.66 -50.98
CA VAL C 281 -32.86 -15.00 -51.96
C VAL C 281 -32.46 -16.46 -51.80
N GLU C 282 -33.35 -17.27 -51.23
CA GLU C 282 -33.01 -18.66 -50.92
C GLU C 282 -32.68 -19.46 -52.19
N GLU C 283 -33.48 -19.28 -53.24
CA GLU C 283 -33.29 -20.08 -54.45
C GLU C 283 -31.96 -19.78 -55.11
N LEU C 284 -31.72 -18.49 -55.37
CA LEU C 284 -30.49 -18.10 -56.04
C LEU C 284 -29.28 -18.37 -55.17
N TYR C 285 -29.37 -17.96 -53.90
CA TYR C 285 -28.24 -18.17 -52.96
C TYR C 285 -27.86 -19.65 -52.97
N ARG C 286 -28.85 -20.53 -52.81
CA ARG C 286 -28.56 -21.96 -52.74
C ARG C 286 -28.10 -22.49 -54.10
N SER C 287 -28.73 -22.02 -55.17
CA SER C 287 -28.32 -22.46 -56.49
C SER C 287 -26.83 -22.22 -56.64
N GLN C 288 -26.39 -21.06 -56.15
CA GLN C 288 -24.97 -20.71 -56.24
C GLN C 288 -24.04 -21.47 -55.28
N VAL C 289 -24.46 -21.65 -54.03
CA VAL C 289 -23.53 -22.26 -53.07
C VAL C 289 -23.87 -23.67 -52.59
N SER C 290 -25.16 -23.96 -52.43
CA SER C 290 -25.53 -25.26 -51.90
C SER C 290 -25.42 -26.36 -52.95
N ASP C 291 -25.80 -26.06 -54.19
CA ASP C 291 -25.69 -27.07 -55.24
C ASP C 291 -24.23 -27.43 -55.52
N LEU C 292 -23.31 -26.50 -55.29
CA LEU C 292 -21.89 -26.75 -55.46
C LEU C 292 -21.20 -27.20 -54.18
N GLY C 293 -21.94 -27.30 -53.07
CA GLY C 293 -21.35 -27.74 -51.83
C GLY C 293 -20.43 -26.75 -51.15
N GLY C 294 -20.59 -25.45 -51.43
CA GLY C 294 -19.73 -24.45 -50.85
C GLY C 294 -20.09 -24.09 -49.43
N CYS C 295 -19.21 -23.30 -48.81
CA CYS C 295 -19.40 -22.82 -47.44
C CYS C 295 -19.15 -21.33 -47.32
N SER C 296 -18.99 -20.63 -48.43
CA SER C 296 -18.74 -19.19 -48.38
C SER C 296 -19.94 -18.46 -47.80
N PRO C 297 -19.74 -17.50 -46.91
CA PRO C 297 -20.88 -16.74 -46.36
C PRO C 297 -21.62 -15.98 -47.44
N PHE C 298 -22.94 -15.89 -47.28
CA PHE C 298 -23.80 -15.21 -48.23
C PHE C 298 -24.62 -14.16 -47.52
N PHE C 299 -24.94 -13.12 -48.25
CA PHE C 299 -25.64 -12.04 -47.63
C PHE C 299 -26.57 -11.35 -48.60
N SER C 300 -27.61 -10.76 -48.11
CA SER C 300 -28.62 -10.12 -48.94
C SER C 300 -28.33 -8.63 -49.04
N LYS C 301 -29.27 -7.86 -49.59
CA LYS C 301 -29.07 -6.43 -49.74
C LYS C 301 -29.17 -5.72 -48.39
N VAL C 302 -30.27 -5.82 -47.68
CA VAL C 302 -30.33 -5.10 -46.43
C VAL C 302 -29.46 -5.69 -45.32
N SER C 303 -29.32 -7.00 -45.27
CA SER C 303 -28.39 -7.59 -44.31
C SER C 303 -27.00 -7.02 -44.59
N GLY C 304 -26.61 -6.90 -45.84
CA GLY C 304 -25.35 -6.25 -46.13
C GLY C 304 -25.15 -4.83 -45.57
N VAL C 305 -26.12 -3.96 -45.64
CA VAL C 305 -25.97 -2.61 -45.18
C VAL C 305 -25.96 -2.65 -43.70
N LEU C 306 -26.73 -3.50 -43.11
CA LEU C 306 -26.60 -3.55 -41.69
C LEU C 306 -25.15 -3.88 -41.27
N ALA C 307 -24.60 -4.91 -41.84
CA ALA C 307 -23.26 -5.28 -41.57
C ALA C 307 -22.33 -4.13 -41.67
N PHE C 308 -22.27 -3.43 -42.81
CA PHE C 308 -21.45 -2.23 -42.97
C PHE C 308 -21.49 -1.29 -41.83
N MET C 309 -22.67 -0.74 -41.60
CA MET C 309 -22.88 0.31 -40.60
C MET C 309 -22.80 -0.17 -39.17
N THR C 310 -22.71 -1.46 -38.88
CA THR C 310 -22.43 -1.84 -37.52
C THR C 310 -21.02 -2.32 -37.27
N SER C 311 -20.30 -2.70 -38.31
CA SER C 311 -18.97 -3.25 -38.01
C SER C 311 -17.88 -2.53 -38.73
N PHE C 312 -18.23 -1.44 -39.38
CA PHE C 312 -17.19 -0.65 -40.01
C PHE C 312 -17.37 0.89 -39.87
N TYR C 313 -18.51 1.48 -40.29
CA TYR C 313 -18.61 2.91 -40.09
C TYR C 313 -18.65 3.30 -38.62
N ILE C 314 -19.38 2.57 -37.78
CA ILE C 314 -19.56 3.00 -36.40
C ILE C 314 -18.23 3.05 -35.67
N PRO C 315 -17.36 2.03 -35.76
CA PRO C 315 -16.03 2.17 -35.15
C PRO C 315 -15.01 2.88 -36.03
N GLY C 316 -15.32 3.09 -37.31
CA GLY C 316 -14.34 3.64 -38.24
C GLY C 316 -14.21 5.14 -38.25
N SER C 317 -15.30 5.80 -37.86
CA SER C 317 -15.45 7.19 -37.83
C SER C 317 -14.97 7.65 -36.53
N VAL C 318 -15.30 6.99 -35.47
CA VAL C 318 -14.71 7.32 -34.17
C VAL C 318 -13.22 7.39 -34.24
N MET C 319 -12.59 6.36 -34.62
CA MET C 319 -11.21 6.37 -34.58
C MET C 319 -10.69 7.54 -35.32
N LEU C 320 -11.09 7.74 -36.54
CA LEU C 320 -10.64 8.84 -37.38
C LEU C 320 -10.83 10.23 -36.79
N PHE C 321 -12.02 10.57 -36.32
CA PHE C 321 -12.20 11.81 -35.65
C PHE C 321 -11.28 11.97 -34.49
N VAL C 322 -11.20 11.05 -33.57
CA VAL C 322 -10.26 11.15 -32.47
C VAL C 322 -8.85 11.38 -32.97
N TYR C 323 -8.36 10.68 -33.94
CA TYR C 323 -6.95 10.81 -34.32
C TYR C 323 -6.65 11.99 -35.22
N TYR C 324 -7.65 12.70 -35.70
CA TYR C 324 -7.43 13.95 -36.39
C TYR C 324 -7.21 15.04 -35.36
N ARG C 325 -8.07 15.09 -34.33
CA ARG C 325 -7.92 16.09 -33.23
C ARG C 325 -6.59 15.85 -32.51
N ILE C 326 -6.23 14.59 -32.28
CA ILE C 326 -4.99 14.26 -31.51
C ILE C 326 -3.73 14.79 -32.24
N TYR C 327 -3.84 15.15 -33.53
CA TYR C 327 -2.62 15.58 -34.34
C TYR C 327 -2.36 17.07 -34.30
N PHE C 328 -3.42 17.85 -34.39
CA PHE C 328 -3.32 19.26 -34.30
C PHE C 328 -2.85 19.70 -32.91
N ILE C 329 -3.42 19.16 -31.84
CA ILE C 329 -2.94 19.42 -30.51
C ILE C 329 -1.45 19.10 -30.41
N ALA C 330 -1.00 17.95 -30.75
CA ALA C 330 0.42 17.70 -30.64
C ALA C 330 1.30 18.68 -31.39
N LYS C 331 0.84 19.19 -32.50
CA LYS C 331 1.61 20.13 -33.28
C LYS C 331 1.89 21.39 -32.57
N GLY C 332 0.86 22.04 -32.07
CA GLY C 332 1.03 23.21 -31.26
C GLY C 332 1.96 23.02 -30.09
N GLN C 333 1.87 21.90 -29.44
CA GLN C 333 2.72 21.67 -28.34
C GLN C 333 4.13 21.70 -28.84
N ALA C 334 4.47 20.89 -29.78
CA ALA C 334 5.88 21.02 -30.19
C ALA C 334 6.26 22.47 -30.67
N ARG C 335 5.41 23.13 -31.41
CA ARG C 335 5.74 24.47 -31.84
C ARG C 335 6.19 25.20 -30.65
N SER C 336 5.31 25.41 -29.64
CA SER C 336 5.67 26.07 -28.38
C SER C 336 6.90 25.60 -27.66
N ILE C 337 7.02 24.32 -27.41
CA ILE C 337 8.12 23.88 -26.62
C ILE C 337 9.35 24.23 -27.28
N ASN C 338 9.33 24.28 -28.60
CA ASN C 338 10.58 24.67 -29.36
C ASN C 338 10.76 26.17 -29.62
N ARG C 339 9.65 26.88 -29.73
CA ARG C 339 9.78 28.29 -29.98
C ARG C 339 10.17 28.94 -28.73
N THR C 358 7.87 15.68 -36.53
CA THR C 358 6.93 15.37 -35.45
C THR C 358 6.71 13.91 -35.38
N LYS C 359 6.75 13.34 -34.20
CA LYS C 359 6.40 11.95 -34.01
C LYS C 359 4.91 11.68 -34.15
N ALA C 360 4.07 12.71 -34.12
CA ALA C 360 2.63 12.51 -34.25
C ALA C 360 2.27 12.00 -35.65
N ALA C 361 2.94 12.54 -36.68
CA ALA C 361 2.64 12.14 -38.05
C ALA C 361 3.09 10.72 -38.38
N LYS C 362 3.90 10.09 -37.54
CA LYS C 362 4.43 8.78 -37.84
C LYS C 362 3.84 7.63 -37.12
N THR C 363 3.32 7.71 -35.89
CA THR C 363 2.55 6.65 -35.24
C THR C 363 1.09 6.69 -35.65
N LEU C 364 0.47 7.87 -35.62
CA LEU C 364 -0.94 7.98 -35.98
C LEU C 364 -1.16 7.62 -37.44
N GLY C 365 -0.30 8.10 -38.34
CA GLY C 365 -0.43 7.76 -39.74
C GLY C 365 -0.26 6.28 -39.99
N ILE C 366 0.51 5.59 -39.13
CA ILE C 366 0.61 4.11 -39.28
C ILE C 366 -0.67 3.42 -38.75
N MET C 367 -1.10 3.65 -37.50
CA MET C 367 -2.32 3.02 -37.04
C MET C 367 -3.46 3.11 -38.05
N VAL C 368 -3.86 4.31 -38.39
CA VAL C 368 -4.92 4.46 -39.34
C VAL C 368 -4.68 3.65 -40.56
N GLY C 369 -3.52 3.74 -41.15
CA GLY C 369 -3.20 2.98 -42.33
C GLY C 369 -3.25 1.50 -42.25
N VAL C 370 -2.63 0.89 -41.27
CA VAL C 370 -2.80 -0.53 -41.15
C VAL C 370 -4.30 -0.84 -41.10
N PHE C 371 -5.06 -0.23 -40.17
CA PHE C 371 -6.47 -0.58 -40.12
C PHE C 371 -7.05 -0.53 -41.48
N LEU C 372 -6.96 0.56 -42.16
CA LEU C 372 -7.66 0.71 -43.41
C LEU C 372 -7.20 -0.16 -44.58
N VAL C 373 -5.93 -0.45 -44.74
CA VAL C 373 -5.52 -1.42 -45.77
C VAL C 373 -6.12 -2.76 -45.47
N CYS C 374 -6.06 -3.19 -44.24
CA CYS C 374 -6.75 -4.45 -43.91
C CYS C 374 -8.31 -4.53 -43.92
N TRP C 375 -9.08 -3.46 -44.03
CA TRP C 375 -10.49 -3.66 -44.00
C TRP C 375 -11.27 -2.88 -45.10
N CYS C 376 -10.84 -1.72 -45.64
CA CYS C 376 -11.64 -0.98 -46.61
C CYS C 376 -12.01 -1.83 -47.84
N PRO C 377 -11.09 -2.50 -48.53
CA PRO C 377 -11.50 -3.25 -49.73
C PRO C 377 -12.50 -4.35 -49.44
N PHE C 378 -12.34 -5.14 -48.39
CA PHE C 378 -13.26 -6.27 -48.08
C PHE C 378 -14.70 -5.82 -47.75
N PHE C 379 -14.90 -4.83 -46.89
CA PHE C 379 -16.27 -4.45 -46.52
C PHE C 379 -16.98 -3.85 -47.74
N LEU C 380 -16.35 -3.01 -48.56
CA LEU C 380 -17.01 -2.35 -49.66
C LEU C 380 -17.43 -3.29 -50.75
N CYS C 381 -16.53 -4.11 -51.18
CA CYS C 381 -16.86 -5.12 -52.17
C CYS C 381 -18.13 -5.85 -51.86
N THR C 382 -18.23 -6.33 -50.62
CA THR C 382 -19.41 -7.12 -50.19
C THR C 382 -20.69 -6.30 -50.41
N VAL C 383 -20.67 -5.03 -50.01
CA VAL C 383 -21.89 -4.17 -50.12
C VAL C 383 -22.33 -4.11 -51.58
N LEU C 384 -21.40 -3.79 -52.50
CA LEU C 384 -21.77 -3.62 -53.93
C LEU C 384 -21.97 -4.99 -54.59
N ASP C 385 -21.49 -6.07 -53.95
CA ASP C 385 -21.59 -7.42 -54.56
C ASP C 385 -23.05 -7.68 -54.95
N PRO C 386 -24.05 -7.61 -54.05
CA PRO C 386 -25.46 -7.76 -54.44
C PRO C 386 -25.91 -6.60 -55.33
N PHE C 387 -25.51 -5.37 -55.06
CA PHE C 387 -26.04 -4.25 -55.87
C PHE C 387 -25.53 -4.34 -57.32
N LEU C 388 -24.57 -5.21 -57.62
CA LEU C 388 -24.21 -5.31 -59.04
C LEU C 388 -24.69 -6.54 -59.81
N GLY C 389 -24.95 -7.64 -59.10
CA GLY C 389 -25.37 -8.89 -59.76
C GLY C 389 -24.52 -10.07 -59.35
N TYR C 390 -23.85 -9.98 -58.20
CA TYR C 390 -23.01 -11.10 -57.68
C TYR C 390 -22.00 -11.55 -58.73
N VAL C 391 -20.97 -10.75 -59.00
CA VAL C 391 -19.94 -11.11 -59.94
C VAL C 391 -18.60 -11.51 -59.39
N ILE C 392 -18.37 -11.35 -58.10
CA ILE C 392 -17.03 -11.64 -57.60
C ILE C 392 -16.66 -13.10 -57.66
N PRO C 393 -15.51 -13.41 -58.26
CA PRO C 393 -15.09 -14.82 -58.15
C PRO C 393 -14.68 -15.24 -56.71
N PRO C 394 -14.90 -16.51 -56.38
CA PRO C 394 -14.60 -16.95 -55.01
C PRO C 394 -13.14 -16.84 -54.66
N SER C 395 -12.27 -16.90 -55.66
CA SER C 395 -10.89 -16.68 -55.39
C SER C 395 -10.68 -15.28 -54.81
N LEU C 396 -11.05 -14.26 -55.56
CA LEU C 396 -11.00 -12.90 -55.02
C LEU C 396 -11.72 -12.80 -53.68
N ASN C 397 -12.76 -13.57 -53.47
CA ASN C 397 -13.46 -13.46 -52.21
C ASN C 397 -12.61 -13.93 -51.04
N ASP C 398 -12.01 -15.07 -51.16
CA ASP C 398 -11.10 -15.50 -50.09
C ASP C 398 -9.90 -14.63 -49.96
N ALA C 399 -9.55 -13.98 -51.05
CA ALA C 399 -8.43 -13.08 -51.02
C ALA C 399 -8.76 -11.94 -50.13
N LEU C 400 -9.94 -11.42 -50.28
CA LEU C 400 -10.39 -10.37 -49.44
C LEU C 400 -10.42 -10.85 -48.05
N TYR C 401 -10.75 -12.10 -47.86
CA TYR C 401 -10.81 -12.66 -46.50
C TYR C 401 -9.52 -12.71 -45.82
N TRP C 402 -8.47 -12.97 -46.58
CA TRP C 402 -7.15 -13.15 -45.95
C TRP C 402 -6.55 -11.82 -45.54
N PHE C 403 -7.30 -10.74 -45.56
CA PHE C 403 -6.88 -9.41 -45.07
C PHE C 403 -7.47 -9.12 -43.69
N GLY C 404 -8.46 -9.83 -43.21
CA GLY C 404 -8.87 -9.75 -41.81
C GLY C 404 -7.94 -10.53 -40.89
N TYR C 405 -7.55 -11.74 -41.32
CA TYR C 405 -6.59 -12.50 -40.54
C TYR C 405 -5.23 -11.82 -40.51
N LEU C 406 -4.84 -11.18 -41.61
CA LEU C 406 -3.60 -10.40 -41.61
C LEU C 406 -3.66 -9.26 -40.60
N ASN C 407 -4.81 -8.57 -40.53
CA ASN C 407 -4.98 -7.51 -39.54
C ASN C 407 -4.91 -8.06 -38.12
N SER C 408 -5.24 -9.31 -37.86
CA SER C 408 -5.24 -9.79 -36.44
C SER C 408 -3.87 -10.33 -36.09
N ALA C 409 -3.05 -10.50 -37.12
CA ALA C 409 -1.66 -10.95 -36.90
C ALA C 409 -0.88 -9.70 -36.53
N LEU C 410 -1.06 -8.69 -37.37
CA LEU C 410 -0.32 -7.46 -37.06
C LEU C 410 -0.84 -6.55 -35.97
N ASN C 411 -2.03 -6.81 -35.48
CA ASN C 411 -2.44 -5.95 -34.37
C ASN C 411 -1.43 -5.89 -33.22
N PRO C 412 -0.95 -7.00 -32.65
CA PRO C 412 -0.18 -6.88 -31.40
C PRO C 412 1.22 -6.32 -31.56
N MET C 413 1.84 -6.47 -32.71
CA MET C 413 3.13 -5.94 -33.02
C MET C 413 3.09 -4.51 -33.21
N VAL C 414 1.93 -3.96 -33.32
CA VAL C 414 1.72 -2.53 -33.43
C VAL C 414 1.24 -1.93 -32.12
N TYR C 415 0.40 -2.65 -31.37
CA TYR C 415 -0.17 -2.09 -30.15
C TYR C 415 0.58 -2.43 -28.87
N ALA C 416 1.57 -3.32 -28.91
CA ALA C 416 2.31 -3.70 -27.71
C ALA C 416 3.80 -3.40 -27.81
N PHE C 417 4.46 -3.90 -28.86
CA PHE C 417 5.92 -3.78 -28.94
C PHE C 417 6.38 -2.40 -29.37
N PHE C 418 5.54 -1.58 -29.89
CA PHE C 418 6.02 -0.30 -30.34
C PHE C 418 6.31 0.64 -29.19
N TYR C 419 6.01 0.26 -27.94
CA TYR C 419 6.13 1.15 -26.81
C TYR C 419 7.19 0.79 -25.81
N PRO C 420 8.04 1.79 -25.46
CA PRO C 420 9.17 1.55 -24.57
C PRO C 420 8.76 0.91 -23.29
N TRP C 421 7.70 1.39 -22.69
CA TRP C 421 7.32 0.87 -21.42
C TRP C 421 7.28 -0.62 -21.44
N PHE C 422 6.49 -1.19 -22.32
CA PHE C 422 6.29 -2.63 -22.39
C PHE C 422 7.47 -3.33 -22.93
N ARG C 423 8.11 -2.78 -23.96
CA ARG C 423 9.33 -3.41 -24.45
C ARG C 423 10.22 -3.72 -23.24
N ARG C 424 10.39 -2.78 -22.32
CA ARG C 424 11.13 -3.09 -21.09
C ARG C 424 10.51 -4.20 -20.22
N VAL D 2 -20.82 1.47 27.46
CA VAL D 2 -20.96 0.05 27.17
C VAL D 2 -22.13 -0.51 27.97
N GLN D 3 -23.33 -0.44 27.39
CA GLN D 3 -24.53 -0.95 28.03
C GLN D 3 -25.57 -1.28 26.97
N LEU D 4 -26.27 -2.39 27.16
CA LEU D 4 -27.28 -2.86 26.22
C LEU D 4 -28.66 -2.84 26.88
N VAL D 5 -29.64 -2.31 26.15
CA VAL D 5 -31.01 -2.20 26.63
C VAL D 5 -31.93 -2.89 25.63
N GLU D 6 -32.83 -3.72 26.14
CA GLU D 6 -33.79 -4.45 25.33
C GLU D 6 -35.20 -3.97 25.64
N SER D 7 -36.08 -4.04 24.64
CA SER D 7 -37.46 -3.60 24.78
C SER D 7 -38.39 -4.65 24.19
N GLY D 8 -39.62 -4.66 24.69
CA GLY D 8 -40.62 -5.59 24.23
C GLY D 8 -41.10 -6.54 25.31
N GLY D 9 -41.53 -7.73 24.91
CA GLY D 9 -42.02 -8.72 25.86
C GLY D 9 -43.46 -8.49 26.25
N GLY D 10 -43.97 -9.42 27.05
CA GLY D 10 -45.33 -9.38 27.53
C GLY D 10 -46.03 -10.71 27.33
N LEU D 11 -47.34 -10.70 27.56
CA LEU D 11 -48.18 -11.89 27.42
C LEU D 11 -49.12 -11.69 26.23
N VAL D 12 -49.09 -12.65 25.30
CA VAL D 12 -49.91 -12.59 24.10
C VAL D 12 -50.58 -13.95 23.88
N GLN D 13 -51.64 -13.95 23.09
CA GLN D 13 -52.36 -15.16 22.75
C GLN D 13 -51.53 -16.01 21.78
N PRO D 14 -51.77 -17.32 21.77
CA PRO D 14 -51.04 -18.18 20.82
C PRO D 14 -51.31 -17.79 19.38
N GLY D 15 -50.28 -17.93 18.54
CA GLY D 15 -50.38 -17.55 17.15
C GLY D 15 -50.15 -16.08 16.86
N GLY D 16 -49.75 -15.30 17.86
CA GLY D 16 -49.48 -13.89 17.68
C GLY D 16 -48.09 -13.64 17.13
N SER D 17 -47.77 -12.35 16.98
CA SER D 17 -46.48 -11.94 16.46
C SER D 17 -46.02 -10.68 17.16
N ARG D 18 -44.74 -10.64 17.53
CA ARG D 18 -44.15 -9.48 18.18
C ARG D 18 -42.75 -9.25 17.61
N LYS D 19 -42.28 -8.02 17.74
CA LYS D 19 -40.95 -7.63 17.30
C LYS D 19 -40.11 -7.22 18.51
N LEU D 20 -38.96 -7.85 18.67
CA LEU D 20 -38.05 -7.59 19.78
C LEU D 20 -36.87 -6.77 19.29
N SER D 21 -36.41 -5.83 20.13
CA SER D 21 -35.32 -4.95 19.79
C SER D 21 -34.29 -4.89 20.91
N CYS D 22 -33.02 -4.77 20.52
CA CYS D 22 -31.93 -4.61 21.46
C CYS D 22 -31.12 -3.39 21.02
N SER D 23 -31.03 -2.39 21.89
CA SER D 23 -30.42 -1.11 21.56
C SER D 23 -29.00 -1.06 22.15
N ALA D 24 -28.02 -0.75 21.31
CA ALA D 24 -26.64 -0.65 21.74
C ALA D 24 -26.26 0.81 21.95
N SER D 25 -25.30 1.02 22.86
CA SER D 25 -24.82 2.37 23.17
C SER D 25 -23.48 2.31 23.88
N GLY D 26 -22.55 3.18 23.49
CA GLY D 26 -21.27 3.29 24.15
C GLY D 26 -20.11 2.61 23.44
N PHE D 27 -20.33 2.05 22.25
CA PHE D 27 -19.26 1.39 21.52
C PHE D 27 -19.60 1.39 20.04
N ALA D 28 -18.63 0.99 19.22
CA ALA D 28 -18.81 0.89 17.77
C ALA D 28 -19.64 -0.34 17.46
N PHE D 29 -20.96 -0.16 17.50
CA PHE D 29 -21.89 -1.28 17.31
C PHE D 29 -21.81 -1.84 15.90
N SER D 30 -21.34 -1.03 14.93
CA SER D 30 -21.29 -1.45 13.54
C SER D 30 -20.18 -2.45 13.25
N SER D 31 -19.32 -2.77 14.22
CA SER D 31 -18.21 -3.68 13.99
C SER D 31 -18.31 -4.97 14.82
N PHE D 32 -19.42 -5.20 15.50
CA PHE D 32 -19.61 -6.38 16.32
C PHE D 32 -20.81 -7.19 15.84
N GLY D 33 -20.63 -8.51 15.76
CA GLY D 33 -21.75 -9.38 15.47
C GLY D 33 -22.69 -9.53 16.66
N MET D 34 -23.93 -9.91 16.38
CA MET D 34 -24.95 -10.00 17.39
C MET D 34 -25.56 -11.40 17.40
N HIS D 35 -25.81 -11.91 18.60
CA HIS D 35 -26.45 -13.21 18.78
C HIS D 35 -27.65 -13.06 19.69
N TRP D 36 -28.60 -13.99 19.53
CA TRP D 36 -29.75 -14.09 20.41
C TRP D 36 -29.67 -15.41 21.17
N VAL D 37 -29.76 -15.34 22.49
CA VAL D 37 -29.63 -16.51 23.36
C VAL D 37 -30.90 -16.64 24.18
N ARG D 38 -31.50 -17.83 24.15
CA ARG D 38 -32.73 -18.14 24.87
C ARG D 38 -32.41 -18.96 26.11
N GLN D 39 -33.15 -18.69 27.19
CA GLN D 39 -32.98 -19.42 28.43
C GLN D 39 -34.33 -19.62 29.09
N ALA D 40 -34.73 -20.88 29.26
CA ALA D 40 -35.99 -21.18 29.93
C ALA D 40 -35.90 -20.82 31.41
N PRO D 41 -37.05 -20.54 32.04
CA PRO D 41 -37.01 -20.11 33.45
C PRO D 41 -36.34 -21.11 34.39
N GLU D 42 -36.45 -22.41 34.12
CA GLU D 42 -35.90 -23.44 34.99
C GLU D 42 -35.02 -24.40 34.21
N LYS D 43 -34.47 -23.95 33.09
CA LYS D 43 -33.57 -24.77 32.27
C LYS D 43 -32.34 -23.94 31.93
N GLY D 44 -31.51 -24.48 31.04
CA GLY D 44 -30.28 -23.83 30.65
C GLY D 44 -30.48 -22.88 29.48
N LEU D 45 -29.36 -22.43 28.94
CA LEU D 45 -29.34 -21.48 27.83
C LEU D 45 -29.48 -22.20 26.50
N GLU D 46 -29.84 -21.43 25.47
CA GLU D 46 -30.01 -21.97 24.13
C GLU D 46 -29.84 -20.85 23.11
N TRP D 47 -29.10 -21.13 22.05
CA TRP D 47 -28.87 -20.16 20.98
C TRP D 47 -30.09 -20.06 20.07
N VAL D 48 -30.28 -18.89 19.47
CA VAL D 48 -31.45 -18.64 18.63
C VAL D 48 -31.02 -18.31 17.21
N ALA D 49 -30.27 -17.21 17.04
CA ALA D 49 -29.89 -16.74 15.71
C ALA D 49 -28.63 -15.90 15.81
N TYR D 50 -28.15 -15.44 14.66
CA TYR D 50 -26.91 -14.68 14.60
C TYR D 50 -26.80 -13.90 13.29
N ILE D 51 -26.37 -12.64 13.38
CA ILE D 51 -26.11 -11.81 12.21
C ILE D 51 -24.69 -11.25 12.31
N SER D 52 -23.96 -11.29 11.21
CA SER D 52 -22.57 -10.85 11.19
C SER D 52 -22.51 -9.32 11.13
N SER D 53 -21.31 -8.77 11.21
CA SER D 53 -21.14 -7.32 11.19
C SER D 53 -21.52 -6.73 9.84
N GLY D 54 -21.12 -7.39 8.75
CA GLY D 54 -21.44 -6.93 7.41
C GLY D 54 -22.78 -7.36 6.87
N SER D 55 -23.58 -8.08 7.67
CA SER D 55 -24.88 -8.57 7.26
C SER D 55 -24.80 -9.49 6.04
N GLY D 56 -23.66 -10.15 5.86
CA GLY D 56 -23.48 -11.04 4.74
C GLY D 56 -23.64 -12.50 5.10
N THR D 57 -23.78 -12.79 6.39
CA THR D 57 -23.94 -14.16 6.87
C THR D 57 -25.00 -14.17 7.96
N ILE D 58 -25.98 -15.07 7.83
CA ILE D 58 -27.06 -15.20 8.80
C ILE D 58 -27.28 -16.69 9.06
N TYR D 59 -27.35 -17.07 10.34
CA TYR D 59 -27.62 -18.43 10.74
C TYR D 59 -28.86 -18.48 11.62
N TYR D 60 -29.52 -19.64 11.63
CA TYR D 60 -30.71 -19.85 12.44
C TYR D 60 -30.63 -21.20 13.13
N ALA D 61 -31.30 -21.31 14.27
CA ALA D 61 -31.36 -22.56 15.01
C ALA D 61 -32.23 -23.57 14.27
N ASP D 62 -31.88 -24.85 14.40
CA ASP D 62 -32.66 -25.90 13.74
C ASP D 62 -34.04 -26.05 14.33
N THR D 63 -34.27 -25.54 15.55
CA THR D 63 -35.59 -25.63 16.16
C THR D 63 -36.61 -24.81 15.38
N VAL D 64 -36.29 -23.54 15.12
CA VAL D 64 -37.15 -22.66 14.32
C VAL D 64 -36.28 -21.93 13.31
N LYS D 65 -36.63 -22.01 12.04
CA LYS D 65 -35.89 -21.33 11.00
C LYS D 65 -36.77 -20.48 10.09
N GLY D 66 -37.98 -20.96 9.78
CA GLY D 66 -38.90 -20.23 8.93
C GLY D 66 -39.83 -19.27 9.64
N ARG D 67 -39.71 -19.14 10.97
CA ARG D 67 -40.58 -18.27 11.74
C ARG D 67 -39.85 -17.08 12.35
N PHE D 68 -38.53 -17.14 12.47
CA PHE D 68 -37.74 -16.09 13.09
C PHE D 68 -36.99 -15.30 12.03
N THR D 69 -36.99 -13.98 12.17
CA THR D 69 -36.29 -13.09 11.25
C THR D 69 -35.49 -12.08 12.06
N ILE D 70 -34.24 -11.85 11.66
CA ILE D 70 -33.34 -10.93 12.36
C ILE D 70 -32.98 -9.80 11.42
N SER D 71 -32.79 -8.61 11.99
CA SER D 71 -32.39 -7.44 11.22
C SER D 71 -31.61 -6.50 12.12
N ARG D 72 -30.80 -5.65 11.49
CA ARG D 72 -29.99 -4.67 12.20
C ARG D 72 -29.98 -3.36 11.43
N ASP D 73 -29.70 -2.27 12.14
CA ASP D 73 -29.63 -0.94 11.55
C ASP D 73 -28.41 -0.23 12.13
N ASP D 74 -27.35 -0.13 11.32
CA ASP D 74 -26.14 0.54 11.79
C ASP D 74 -26.33 2.01 12.15
N PRO D 75 -27.02 2.85 11.35
CA PRO D 75 -27.04 4.29 11.66
C PRO D 75 -27.59 4.63 13.03
N LYS D 76 -28.62 3.93 13.50
CA LYS D 76 -29.18 4.21 14.82
C LYS D 76 -28.78 3.20 15.88
N ASN D 77 -27.97 2.19 15.53
CA ASN D 77 -27.45 1.20 16.46
C ASN D 77 -28.56 0.50 17.22
N THR D 78 -29.39 -0.22 16.46
CA THR D 78 -30.51 -0.95 17.03
C THR D 78 -30.66 -2.29 16.31
N LEU D 79 -30.79 -3.36 17.09
CA LEU D 79 -31.01 -4.70 16.57
C LEU D 79 -32.50 -5.02 16.60
N PHE D 80 -32.91 -5.95 15.74
CA PHE D 80 -34.30 -6.33 15.62
C PHE D 80 -34.44 -7.85 15.60
N LEU D 81 -35.58 -8.32 16.11
CA LEU D 81 -35.93 -9.74 16.06
C LEU D 81 -37.41 -9.87 15.77
N GLN D 82 -37.75 -10.71 14.79
CA GLN D 82 -39.13 -10.90 14.37
C GLN D 82 -39.58 -12.32 14.69
N MET D 83 -40.72 -12.44 15.36
CA MET D 83 -41.29 -13.73 15.72
C MET D 83 -42.72 -13.81 15.19
N THR D 84 -43.04 -14.91 14.52
CA THR D 84 -44.36 -15.12 13.94
C THR D 84 -44.90 -16.48 14.38
N SER D 85 -46.20 -16.51 14.71
CA SER D 85 -46.89 -17.73 15.12
C SER D 85 -46.22 -18.36 16.34
N LEU D 86 -46.25 -17.62 17.45
CA LEU D 86 -45.62 -18.08 18.68
C LEU D 86 -46.32 -19.33 19.20
N ARG D 87 -45.53 -20.31 19.62
CA ARG D 87 -46.04 -21.57 20.14
C ARG D 87 -45.91 -21.58 21.67
N SER D 88 -46.37 -22.69 22.27
CA SER D 88 -46.26 -22.84 23.72
C SER D 88 -44.81 -22.91 24.17
N GLU D 89 -43.94 -23.56 23.40
CA GLU D 89 -42.53 -23.66 23.75
C GLU D 89 -41.82 -22.32 23.69
N ASP D 90 -42.36 -21.36 22.93
CA ASP D 90 -41.71 -20.05 22.75
C ASP D 90 -41.99 -19.15 23.96
N THR D 91 -41.52 -19.60 25.12
CA THR D 91 -41.60 -18.82 26.36
C THR D 91 -40.31 -19.04 27.15
N ALA D 92 -39.49 -18.00 27.23
CA ALA D 92 -38.20 -18.07 27.91
C ALA D 92 -37.66 -16.64 28.01
N MET D 93 -36.41 -16.52 28.46
CA MET D 93 -35.72 -15.25 28.58
C MET D 93 -34.78 -15.07 27.39
N TYR D 94 -34.74 -13.86 26.84
CA TYR D 94 -33.98 -13.56 25.64
C TYR D 94 -32.89 -12.54 25.96
N TYR D 95 -31.71 -12.75 25.39
CA TYR D 95 -30.58 -11.83 25.55
C TYR D 95 -29.94 -11.56 24.20
N CYS D 96 -29.38 -10.35 24.06
CA CYS D 96 -28.56 -10.00 22.91
C CYS D 96 -27.11 -9.92 23.33
N VAL D 97 -26.24 -10.61 22.59
CA VAL D 97 -24.83 -10.75 22.95
C VAL D 97 -23.97 -10.17 21.84
N ARG D 98 -23.05 -9.28 22.22
CA ARG D 98 -22.07 -8.72 21.32
C ARG D 98 -20.91 -9.69 21.13
N SER D 99 -20.28 -9.61 19.96
CA SER D 99 -19.18 -10.51 19.63
C SER D 99 -18.40 -9.95 18.45
N ILE D 100 -17.08 -10.04 18.54
CA ILE D 100 -16.18 -9.64 17.45
C ILE D 100 -15.16 -10.74 17.25
N TYR D 101 -14.78 -11.00 16.00
CA TYR D 101 -13.93 -12.12 15.65
C TYR D 101 -12.67 -11.64 14.93
N TYR D 102 -11.53 -11.77 15.60
CA TYR D 102 -10.22 -11.60 14.98
C TYR D 102 -9.21 -12.32 15.85
N TYR D 103 -7.96 -12.32 15.40
CA TYR D 103 -6.91 -13.02 16.14
C TYR D 103 -6.71 -12.38 17.51
N GLY D 104 -6.77 -13.20 18.56
CA GLY D 104 -6.63 -12.72 19.92
C GLY D 104 -7.88 -12.13 20.53
N SER D 105 -9.01 -12.18 19.85
CA SER D 105 -10.24 -11.59 20.36
C SER D 105 -10.88 -12.50 21.41
N SER D 106 -11.83 -11.92 22.15
CA SER D 106 -12.55 -12.62 23.21
C SER D 106 -14.05 -12.47 22.96
N PRO D 107 -14.66 -13.35 22.17
CA PRO D 107 -16.09 -13.24 21.89
C PRO D 107 -16.92 -13.56 23.14
N PHE D 108 -18.19 -13.14 23.07
CA PHE D 108 -19.16 -13.36 24.15
C PHE D 108 -18.69 -12.76 25.47
N ASP D 109 -18.29 -11.48 25.42
CA ASP D 109 -17.73 -10.81 26.59
C ASP D 109 -18.76 -10.00 27.37
N PHE D 110 -19.81 -9.50 26.73
CA PHE D 110 -20.79 -8.67 27.41
C PHE D 110 -22.19 -9.12 27.01
N TRP D 111 -23.10 -9.11 27.99
CA TRP D 111 -24.48 -9.55 27.79
C TRP D 111 -25.43 -8.44 28.23
N GLY D 112 -26.65 -8.51 27.71
CA GLY D 112 -27.69 -7.56 28.06
C GLY D 112 -28.39 -7.92 29.36
N GLN D 113 -29.52 -7.26 29.59
CA GLN D 113 -30.31 -7.48 30.80
C GLN D 113 -31.40 -8.52 30.62
N GLY D 114 -32.00 -8.60 29.46
CA GLY D 114 -33.00 -9.62 29.20
C GLY D 114 -34.42 -9.10 29.33
N THR D 115 -35.30 -9.63 28.50
CA THR D 115 -36.73 -9.32 28.55
C THR D 115 -37.53 -10.61 28.50
N THR D 116 -38.57 -10.67 29.32
CA THR D 116 -39.38 -11.87 29.48
C THR D 116 -40.57 -11.86 28.52
N LEU D 117 -40.95 -13.05 28.06
CA LEU D 117 -42.07 -13.20 27.14
C LEU D 117 -42.77 -14.51 27.47
N THR D 118 -44.01 -14.43 27.94
CA THR D 118 -44.80 -15.60 28.28
C THR D 118 -45.92 -15.79 27.28
N VAL D 119 -46.17 -17.06 26.92
CA VAL D 119 -47.21 -17.42 25.96
C VAL D 119 -48.19 -18.35 26.65
N SER D 120 -49.47 -18.01 26.63
CA SER D 120 -50.49 -18.85 27.24
C SER D 120 -50.63 -20.16 26.48
N SER D 121 -50.91 -21.22 27.22
CA SER D 121 -51.08 -22.54 26.62
C SER D 121 -52.38 -22.63 25.83
N SER D 135 -29.51 -34.10 16.65
CA SER D 135 -29.15 -34.94 15.51
C SER D 135 -27.64 -34.99 15.33
N SER D 136 -27.14 -34.27 14.33
CA SER D 136 -25.72 -34.23 14.04
C SER D 136 -24.96 -33.23 14.92
N ASP D 137 -25.66 -32.45 15.73
CA ASP D 137 -25.02 -31.47 16.59
C ASP D 137 -24.29 -32.15 17.74
N ILE D 138 -23.26 -31.49 18.24
CA ILE D 138 -22.48 -32.02 19.36
C ILE D 138 -23.30 -31.92 20.64
N VAL D 139 -23.41 -33.04 21.36
CA VAL D 139 -24.13 -33.09 22.62
C VAL D 139 -23.18 -32.74 23.75
N MET D 140 -23.52 -31.70 24.51
CA MET D 140 -22.72 -31.26 25.65
C MET D 140 -23.49 -31.57 26.93
N THR D 141 -22.86 -32.32 27.83
CA THR D 141 -23.49 -32.75 29.06
C THR D 141 -22.55 -32.51 30.24
N GLN D 142 -23.13 -32.27 31.41
CA GLN D 142 -22.39 -32.07 32.65
C GLN D 142 -22.83 -33.14 33.64
N ALA D 143 -21.87 -33.91 34.16
CA ALA D 143 -22.20 -35.04 35.01
C ALA D 143 -22.88 -34.61 36.30
N THR D 144 -22.37 -33.56 36.93
CA THR D 144 -22.91 -33.10 38.20
C THR D 144 -23.87 -31.94 38.00
N SER D 145 -24.66 -31.66 39.03
CA SER D 145 -25.60 -30.54 39.01
C SER D 145 -25.56 -29.68 40.27
N SER D 146 -25.10 -30.21 41.40
CA SER D 146 -25.01 -29.43 42.63
C SER D 146 -24.00 -30.09 43.56
N VAL D 147 -23.36 -29.26 44.38
CA VAL D 147 -22.36 -29.75 45.32
C VAL D 147 -22.12 -28.69 46.40
N PRO D 148 -22.08 -29.07 47.68
CA PRO D 148 -21.73 -28.11 48.72
C PRO D 148 -20.23 -28.09 49.00
N VAL D 149 -19.71 -26.88 49.22
CA VAL D 149 -18.29 -26.66 49.41
C VAL D 149 -18.08 -25.78 50.63
N THR D 150 -16.80 -25.52 50.94
CA THR D 150 -16.35 -24.74 52.09
C THR D 150 -15.79 -23.40 51.62
N PRO D 151 -16.10 -22.30 52.31
CA PRO D 151 -15.59 -20.99 51.89
C PRO D 151 -14.10 -20.84 52.12
N GLY D 152 -13.29 -21.35 51.19
CA GLY D 152 -11.85 -21.26 51.31
C GLY D 152 -11.11 -22.46 50.75
N GLU D 153 -11.85 -23.49 50.35
CA GLU D 153 -11.27 -24.68 49.75
C GLU D 153 -11.38 -24.62 48.23
N SER D 154 -10.92 -25.67 47.57
CA SER D 154 -10.92 -25.73 46.12
C SER D 154 -12.22 -26.34 45.59
N VAL D 155 -12.60 -25.91 44.39
CA VAL D 155 -13.81 -26.38 43.73
C VAL D 155 -13.45 -26.83 42.32
N SER D 156 -13.93 -28.01 41.94
CA SER D 156 -13.68 -28.57 40.62
C SER D 156 -15.00 -28.83 39.91
N ILE D 157 -15.11 -28.33 38.68
CA ILE D 157 -16.29 -28.53 37.84
C ILE D 157 -15.84 -29.15 36.52
N SER D 158 -16.51 -30.22 36.11
CA SER D 158 -16.13 -30.98 34.93
C SER D 158 -17.18 -30.84 33.84
N CYS D 159 -16.72 -30.85 32.59
CA CYS D 159 -17.57 -30.79 31.42
C CYS D 159 -17.16 -31.87 30.44
N ARG D 160 -18.15 -32.41 29.71
CA ARG D 160 -17.92 -33.49 28.77
C ARG D 160 -18.51 -33.14 27.42
N SER D 161 -17.92 -33.71 26.37
CA SER D 161 -18.37 -33.49 25.00
C SER D 161 -18.42 -34.83 24.27
N SER D 162 -19.28 -34.90 23.26
CA SER D 162 -19.45 -36.09 22.45
C SER D 162 -18.52 -36.14 21.24
N LYS D 163 -17.70 -35.11 21.05
CA LYS D 163 -16.79 -35.06 19.91
C LYS D 163 -15.58 -34.22 20.31
N SER D 164 -14.46 -34.49 19.64
CA SER D 164 -13.22 -33.78 19.94
C SER D 164 -13.34 -32.32 19.51
N LEU D 165 -13.23 -31.41 20.47
CA LEU D 165 -13.33 -29.98 20.18
C LEU D 165 -12.03 -29.41 19.61
N LEU D 166 -10.92 -30.13 19.72
CA LEU D 166 -9.65 -29.65 19.20
C LEU D 166 -9.70 -29.59 17.67
N HIS D 167 -9.20 -28.48 17.11
CA HIS D 167 -9.16 -28.28 15.67
C HIS D 167 -7.75 -28.54 15.15
N SER D 168 -7.63 -28.57 13.83
CA SER D 168 -6.33 -28.81 13.20
C SER D 168 -5.36 -27.68 13.50
N ASN D 169 -5.85 -26.45 13.57
CA ASN D 169 -4.98 -25.31 13.85
C ASN D 169 -4.35 -25.42 15.24
N GLY D 170 -5.13 -25.84 16.22
CA GLY D 170 -4.61 -26.00 17.57
C GLY D 170 -5.46 -25.34 18.63
N ASN D 171 -6.64 -24.85 18.24
CA ASN D 171 -7.53 -24.17 19.17
C ASN D 171 -8.60 -25.12 19.70
N THR D 172 -8.96 -24.93 20.97
CA THR D 172 -10.01 -25.70 21.62
C THR D 172 -11.12 -24.73 22.02
N TYR D 173 -12.27 -24.84 21.37
CA TYR D 173 -13.37 -23.89 21.55
C TYR D 173 -14.23 -24.33 22.71
N LEU D 174 -13.90 -23.82 23.91
CA LEU D 174 -14.68 -24.06 25.10
C LEU D 174 -14.84 -22.75 25.86
N TYR D 175 -16.04 -22.53 26.41
CA TYR D 175 -16.36 -21.28 27.08
C TYR D 175 -16.99 -21.57 28.45
N TRP D 176 -16.76 -20.66 29.39
CA TRP D 176 -17.35 -20.71 30.72
C TRP D 176 -18.00 -19.36 31.01
N PHE D 177 -19.20 -19.39 31.58
CA PHE D 177 -19.99 -18.19 31.78
C PHE D 177 -20.25 -17.87 33.25
N LEU D 178 -20.75 -18.84 34.03
CA LEU D 178 -21.00 -18.67 35.45
C LEU D 178 -21.98 -17.53 35.73
N GLN D 179 -23.22 -17.71 35.26
CA GLN D 179 -24.26 -16.73 35.50
C GLN D 179 -24.58 -16.64 36.99
N ARG D 180 -24.64 -15.42 37.51
CA ARG D 180 -24.94 -15.21 38.91
C ARG D 180 -26.44 -15.35 39.17
N PRO D 181 -26.83 -15.76 40.38
CA PRO D 181 -28.26 -15.98 40.66
C PRO D 181 -29.02 -14.68 40.85
N GLY D 182 -29.43 -14.05 39.75
CA GLY D 182 -30.22 -12.83 39.84
C GLY D 182 -29.78 -11.76 38.87
N GLN D 183 -28.66 -11.97 38.19
CA GLN D 183 -28.11 -11.02 37.24
C GLN D 183 -27.81 -11.73 35.92
N SER D 184 -27.34 -10.95 34.95
CA SER D 184 -27.02 -11.50 33.65
C SER D 184 -25.74 -12.33 33.72
N PRO D 185 -25.56 -13.27 32.78
CA PRO D 185 -24.34 -14.07 32.75
C PRO D 185 -23.12 -13.21 32.47
N GLN D 186 -21.95 -13.83 32.65
CA GLN D 186 -20.67 -13.16 32.45
C GLN D 186 -19.78 -14.08 31.63
N LEU D 187 -18.49 -13.72 31.54
CA LEU D 187 -17.52 -14.54 30.84
C LEU D 187 -16.28 -14.68 31.71
N LEU D 188 -15.85 -15.93 31.93
CA LEU D 188 -14.67 -16.21 32.75
C LEU D 188 -13.52 -16.76 31.91
N ILE D 189 -13.75 -17.85 31.19
CA ILE D 189 -12.72 -18.51 30.40
C ILE D 189 -13.23 -18.66 28.97
N TYR D 190 -12.41 -18.22 28.01
CA TYR D 190 -12.69 -18.42 26.60
C TYR D 190 -11.54 -19.19 25.96
N ARG D 191 -11.89 -20.08 25.03
CA ARG D 191 -10.92 -20.98 24.38
C ARG D 191 -10.24 -21.91 25.40
N MET D 192 -10.92 -22.12 26.54
CA MET D 192 -10.58 -23.17 27.50
C MET D 192 -9.30 -22.86 28.27
N SER D 193 -8.57 -21.82 27.87
CA SER D 193 -7.28 -21.51 28.49
C SER D 193 -7.07 -20.06 28.84
N ASN D 194 -7.81 -19.12 28.24
CA ASN D 194 -7.57 -17.70 28.43
C ASN D 194 -8.56 -17.10 29.41
N LEU D 195 -8.08 -16.20 30.26
CA LEU D 195 -8.91 -15.51 31.23
C LEU D 195 -9.40 -14.18 30.66
N ALA D 196 -10.55 -13.73 31.16
CA ALA D 196 -11.14 -12.49 30.70
C ALA D 196 -10.46 -11.30 31.39
N SER D 197 -11.04 -10.11 31.23
CA SER D 197 -10.41 -8.89 31.73
C SER D 197 -10.68 -8.67 33.21
N GLY D 198 -11.96 -8.54 33.58
CA GLY D 198 -12.31 -8.17 34.94
C GLY D 198 -12.46 -9.34 35.90
N VAL D 199 -12.08 -10.53 35.46
CA VAL D 199 -12.16 -11.74 36.28
C VAL D 199 -10.91 -11.81 37.16
N PRO D 200 -11.06 -11.99 38.47
CA PRO D 200 -9.88 -12.11 39.33
C PRO D 200 -9.05 -13.34 38.96
N ASP D 201 -7.74 -13.23 39.22
CA ASP D 201 -6.82 -14.29 38.83
C ASP D 201 -6.86 -15.47 39.79
N ARG D 202 -8.04 -16.06 39.97
CA ARG D 202 -8.20 -17.26 40.76
C ARG D 202 -8.93 -18.38 40.04
N PHE D 203 -9.52 -18.10 38.88
CA PHE D 203 -10.18 -19.13 38.09
C PHE D 203 -9.22 -19.65 37.01
N SER D 204 -9.32 -20.95 36.73
CA SER D 204 -8.49 -21.57 35.73
C SER D 204 -9.23 -22.74 35.10
N GLY D 205 -8.82 -23.10 33.90
CA GLY D 205 -9.43 -24.20 33.18
C GLY D 205 -8.40 -25.00 32.42
N SER D 206 -8.69 -26.29 32.25
CA SER D 206 -7.79 -27.19 31.54
C SER D 206 -8.60 -28.31 30.92
N GLY D 207 -8.02 -28.97 29.91
CA GLY D 207 -8.69 -30.06 29.24
C GLY D 207 -7.70 -30.87 28.43
N SER D 208 -8.21 -31.94 27.82
CA SER D 208 -7.39 -32.83 27.01
C SER D 208 -7.91 -33.02 25.59
N GLY D 209 -9.12 -32.58 25.27
CA GLY D 209 -9.67 -32.75 23.94
C GLY D 209 -11.11 -33.22 23.95
N THR D 210 -11.47 -34.00 24.95
CA THR D 210 -12.83 -34.49 25.11
C THR D 210 -13.43 -34.19 26.49
N ALA D 211 -12.64 -34.21 27.55
CA ALA D 211 -13.11 -33.89 28.90
C ALA D 211 -12.34 -32.68 29.42
N PHE D 212 -13.06 -31.76 30.05
CA PHE D 212 -12.48 -30.52 30.54
C PHE D 212 -12.90 -30.31 31.98
N THR D 213 -12.05 -29.60 32.73
CA THR D 213 -12.30 -29.30 34.12
C THR D 213 -12.05 -27.83 34.39
N LEU D 214 -12.81 -27.29 35.34
CA LEU D 214 -12.66 -25.90 35.79
C LEU D 214 -12.23 -25.91 37.25
N THR D 215 -11.11 -25.23 37.54
CA THR D 215 -10.53 -25.23 38.87
C THR D 215 -10.53 -23.81 39.43
N ILE D 216 -11.01 -23.67 40.66
CA ILE D 216 -11.03 -22.40 41.38
C ILE D 216 -10.18 -22.58 42.62
N SER D 217 -9.07 -21.84 42.70
CA SER D 217 -8.14 -21.96 43.82
C SER D 217 -8.79 -21.53 45.14
N ARG D 218 -9.15 -20.25 45.23
CA ARG D 218 -9.78 -19.72 46.43
C ARG D 218 -11.30 -19.72 46.26
N LEU D 219 -12.01 -19.12 47.21
CA LEU D 219 -13.46 -19.02 47.12
C LEU D 219 -13.93 -17.84 47.96
N GLU D 220 -14.92 -17.12 47.45
CA GLU D 220 -15.50 -15.98 48.16
C GLU D 220 -17.01 -16.07 48.05
N ALA D 221 -17.69 -15.14 48.73
CA ALA D 221 -19.15 -15.10 48.71
C ALA D 221 -19.72 -14.73 47.35
N GLU D 222 -18.90 -14.17 46.45
CA GLU D 222 -19.36 -13.77 45.12
C GLU D 222 -19.26 -14.90 44.11
N ASP D 223 -18.75 -16.06 44.49
CA ASP D 223 -18.61 -17.20 43.59
C ASP D 223 -19.88 -18.04 43.50
N VAL D 224 -20.91 -17.70 44.26
CA VAL D 224 -22.17 -18.45 44.22
C VAL D 224 -22.85 -18.21 42.88
N GLY D 225 -23.27 -19.29 42.23
CA GLY D 225 -23.93 -19.18 40.95
C GLY D 225 -23.94 -20.51 40.23
N VAL D 226 -24.43 -20.48 38.99
CA VAL D 226 -24.53 -21.65 38.14
C VAL D 226 -23.54 -21.50 36.98
N TYR D 227 -22.71 -22.51 36.78
CA TYR D 227 -21.65 -22.49 35.77
C TYR D 227 -22.15 -23.20 34.52
N TYR D 228 -21.92 -22.60 33.36
CA TYR D 228 -22.41 -23.12 32.10
C TYR D 228 -21.25 -23.51 31.19
N CYS D 229 -21.51 -24.45 30.30
CA CYS D 229 -20.51 -24.99 29.39
C CYS D 229 -20.99 -24.81 27.95
N MET D 230 -20.10 -24.27 27.10
CA MET D 230 -20.46 -24.00 25.71
C MET D 230 -19.24 -24.24 24.82
N GLN D 231 -19.50 -24.58 23.57
CA GLN D 231 -18.46 -24.85 22.59
C GLN D 231 -18.78 -24.17 21.27
N HIS D 232 -17.73 -23.91 20.49
CA HIS D 232 -17.85 -23.17 19.24
C HIS D 232 -17.03 -23.80 18.12
N LEU D 233 -17.09 -25.11 17.96
CA LEU D 233 -16.21 -25.80 17.01
C LEU D 233 -16.74 -25.72 15.59
N GLU D 234 -17.90 -26.32 15.32
CA GLU D 234 -18.49 -26.34 13.99
C GLU D 234 -19.79 -25.55 13.92
N TYR D 235 -20.06 -24.74 14.94
CA TYR D 235 -21.21 -23.86 15.06
C TYR D 235 -22.55 -24.60 15.09
N PRO D 236 -22.77 -25.56 16.01
CA PRO D 236 -24.15 -25.92 16.36
C PRO D 236 -24.65 -25.06 17.52
N LEU D 237 -23.70 -24.54 18.31
CA LEU D 237 -23.99 -23.70 19.47
C LEU D 237 -24.93 -24.40 20.45
N THR D 238 -24.47 -25.55 20.94
CA THR D 238 -25.21 -26.31 21.94
C THR D 238 -24.67 -25.99 23.33
N PHE D 239 -25.58 -25.80 24.28
CA PHE D 239 -25.22 -25.44 25.65
C PHE D 239 -25.23 -26.66 26.56
N GLY D 240 -24.66 -26.48 27.74
CA GLY D 240 -24.60 -27.53 28.75
C GLY D 240 -25.82 -27.52 29.65
N ALA D 241 -25.71 -28.27 30.75
CA ALA D 241 -26.79 -28.38 31.72
C ALA D 241 -26.67 -27.36 32.84
N GLY D 242 -25.48 -27.17 33.39
CA GLY D 242 -25.27 -26.22 34.45
C GLY D 242 -25.19 -26.88 35.81
N THR D 243 -24.25 -26.41 36.63
CA THR D 243 -24.05 -26.90 37.98
C THR D 243 -24.21 -25.73 38.95
N LYS D 244 -25.06 -25.92 39.96
CA LYS D 244 -25.31 -24.87 40.95
C LYS D 244 -24.45 -25.09 42.19
N LEU D 245 -23.87 -24.01 42.70
CA LEU D 245 -23.03 -24.05 43.89
C LEU D 245 -23.71 -23.29 45.01
N GLU D 246 -23.80 -23.90 46.18
CA GLU D 246 -24.40 -23.30 47.35
C GLU D 246 -23.38 -23.22 48.47
N LEU D 247 -23.30 -22.06 49.12
CA LEU D 247 -22.35 -21.86 50.21
C LEU D 247 -23.07 -21.65 51.53
N THR E 6 31.34 36.28 25.62
CA THR E 6 31.21 35.54 24.37
C THR E 6 30.95 34.06 24.65
N ALA E 7 29.93 33.51 23.99
CA ALA E 7 29.55 32.11 24.20
C ALA E 7 30.44 31.13 23.44
N SER E 8 31.33 31.62 22.57
CA SER E 8 32.19 30.72 21.80
C SER E 8 33.11 29.93 22.73
N ILE E 9 33.70 30.59 23.72
CA ILE E 9 34.59 29.90 24.64
C ILE E 9 33.82 28.91 25.50
N ALA E 10 32.58 29.23 25.86
CA ALA E 10 31.78 28.33 26.69
C ALA E 10 31.49 27.02 25.95
N GLN E 11 31.16 27.10 24.66
CA GLN E 11 30.87 25.89 23.90
C GLN E 11 32.09 24.98 23.80
N ALA E 12 33.26 25.56 23.54
CA ALA E 12 34.47 24.76 23.43
C ALA E 12 34.92 24.20 24.78
N ARG E 13 34.63 24.92 25.87
CA ARG E 13 35.01 24.44 27.19
C ARG E 13 34.29 23.13 27.54
N LYS E 14 33.00 23.04 27.22
CA LYS E 14 32.26 21.81 27.49
C LYS E 14 32.72 20.69 26.59
N LEU E 15 33.06 21.00 25.33
CA LEU E 15 33.51 19.98 24.40
C LEU E 15 34.83 19.35 24.86
N VAL E 16 35.74 20.16 25.40
CA VAL E 16 37.01 19.63 25.88
C VAL E 16 36.78 18.70 27.08
N GLU E 17 35.89 19.11 27.99
CA GLU E 17 35.63 18.30 29.18
C GLU E 17 35.04 16.95 28.82
N GLN E 18 34.15 16.91 27.84
CA GLN E 18 33.52 15.65 27.45
C GLN E 18 34.50 14.70 26.78
N LEU E 19 35.45 15.22 26.00
CA LEU E 19 36.41 14.35 25.30
C LEU E 19 37.31 13.61 26.29
N LYS E 20 37.77 14.30 27.34
CA LYS E 20 38.70 13.66 28.28
C LYS E 20 38.01 12.58 29.09
N MET E 21 36.67 12.64 29.22
CA MET E 21 35.96 11.60 29.95
C MET E 21 35.97 10.28 29.20
N GLU E 22 35.85 10.34 27.86
CA GLU E 22 35.84 9.11 27.06
C GLU E 22 37.21 8.50 26.92
N ALA E 23 38.28 9.25 27.18
CA ALA E 23 39.63 8.72 27.02
C ALA E 23 40.00 7.74 28.12
N ASN E 24 39.35 7.81 29.29
CA ASN E 24 39.67 6.95 30.42
C ASN E 24 38.66 5.79 30.45
N ILE E 25 38.91 4.80 29.59
CA ILE E 25 38.09 3.60 29.54
C ILE E 25 39.03 2.39 29.44
N ASP E 26 38.48 1.23 29.80
CA ASP E 26 39.23 -0.02 29.74
C ASP E 26 38.93 -0.74 28.42
N ARG E 27 39.98 -1.06 27.68
CA ARG E 27 39.87 -1.72 26.38
C ARG E 27 40.38 -3.15 26.51
N ILE E 28 39.61 -4.10 25.99
CA ILE E 28 39.99 -5.50 26.00
C ILE E 28 40.80 -5.81 24.75
N LYS E 29 41.49 -6.94 24.76
CA LYS E 29 42.27 -7.36 23.61
C LYS E 29 41.36 -7.58 22.41
N VAL E 30 41.79 -7.06 21.25
CA VAL E 30 40.95 -7.14 20.05
C VAL E 30 40.75 -8.58 19.62
N SER E 31 41.83 -9.37 19.61
CA SER E 31 41.71 -10.78 19.26
C SER E 31 40.91 -11.58 20.28
N LYS E 32 40.84 -11.12 21.53
CA LYS E 32 40.02 -11.79 22.53
C LYS E 32 38.53 -11.67 22.22
N ALA E 33 38.09 -10.50 21.74
CA ALA E 33 36.70 -10.32 21.36
C ALA E 33 36.33 -11.13 20.13
N ALA E 34 37.31 -11.51 19.32
CA ALA E 34 37.03 -12.33 18.13
C ALA E 34 36.49 -13.69 18.53
N ALA E 35 37.06 -14.31 19.57
CA ALA E 35 36.60 -15.62 20.01
C ALA E 35 35.22 -15.53 20.66
N ASP E 36 34.98 -14.49 21.46
CA ASP E 36 33.69 -14.34 22.12
C ASP E 36 32.57 -14.16 21.11
N LEU E 37 32.80 -13.35 20.07
CA LEU E 37 31.80 -13.17 19.03
C LEU E 37 31.58 -14.47 18.26
N MET E 38 32.66 -15.21 17.99
CA MET E 38 32.54 -16.45 17.23
C MET E 38 31.88 -17.55 18.05
N ALA E 39 32.16 -17.59 19.36
CA ALA E 39 31.67 -18.69 20.19
C ALA E 39 30.15 -18.76 20.22
N TYR E 40 29.49 -17.60 20.25
CA TYR E 40 28.03 -17.57 20.28
C TYR E 40 27.39 -18.19 19.04
N CYS E 41 28.13 -18.25 17.93
CA CYS E 41 27.55 -18.78 16.69
C CYS E 41 27.29 -20.27 16.78
N GLU E 42 28.27 -21.05 17.24
CA GLU E 42 28.07 -22.49 17.30
C GLU E 42 27.12 -22.88 18.43
N ALA E 43 27.10 -22.11 19.52
CA ALA E 43 26.21 -22.40 20.63
C ALA E 43 24.75 -22.21 20.28
N HIS E 44 24.44 -21.52 19.18
CA HIS E 44 23.06 -21.29 18.77
C HIS E 44 22.82 -21.61 17.30
N ALA E 45 23.74 -22.30 16.63
CA ALA E 45 23.57 -22.62 15.23
C ALA E 45 22.53 -23.71 15.00
N LYS E 46 22.22 -24.50 16.02
CA LYS E 46 21.25 -25.59 15.90
C LYS E 46 19.82 -25.15 16.10
N GLU E 47 19.59 -23.88 16.42
CA GLU E 47 18.25 -23.34 16.65
C GLU E 47 17.98 -22.13 15.76
N ASP E 48 18.63 -22.09 14.59
CA ASP E 48 18.45 -21.00 13.65
C ASP E 48 17.69 -21.52 12.43
N PRO E 49 16.39 -21.23 12.30
CA PRO E 49 15.65 -21.73 11.13
C PRO E 49 16.19 -21.24 9.80
N LEU E 50 16.70 -20.01 9.74
CA LEU E 50 17.23 -19.49 8.49
C LEU E 50 18.56 -20.16 8.13
N LEU E 51 19.40 -20.44 9.13
CA LEU E 51 20.69 -21.07 8.86
C LEU E 51 20.51 -22.51 8.36
N THR E 52 19.68 -23.28 9.06
CA THR E 52 19.42 -24.66 8.68
C THR E 52 17.98 -24.78 8.17
N PRO E 53 17.77 -25.02 6.88
CA PRO E 53 16.39 -25.12 6.36
C PRO E 53 15.64 -26.28 7.01
N VAL E 54 14.61 -25.93 7.78
CA VAL E 54 13.78 -26.92 8.46
C VAL E 54 12.92 -27.63 7.42
N PRO E 55 12.51 -28.87 7.67
CA PRO E 55 11.62 -29.56 6.71
C PRO E 55 10.26 -28.87 6.62
N ALA E 56 9.50 -29.28 5.62
CA ALA E 56 8.20 -28.68 5.31
C ALA E 56 7.11 -29.06 6.31
N SER E 57 7.42 -29.73 7.42
CA SER E 57 6.40 -30.13 8.38
C SER E 57 6.39 -29.28 9.65
N GLU E 58 7.54 -28.73 10.05
CA GLU E 58 7.63 -27.94 11.28
C GLU E 58 7.49 -26.44 11.03
N ASN E 59 7.31 -26.01 9.76
CA ASN E 59 7.17 -24.58 9.58
C ASN E 59 5.72 -24.19 9.33
N PRO E 60 5.30 -23.02 9.78
CA PRO E 60 3.91 -22.57 9.56
C PRO E 60 3.68 -21.84 8.26
N PHE E 61 4.70 -21.64 7.44
CA PHE E 61 4.57 -20.91 6.19
C PHE E 61 4.52 -21.83 4.98
N ARG E 62 4.33 -23.14 5.19
CA ARG E 62 4.23 -24.08 4.09
C ARG E 62 2.98 -23.80 3.26
N GLU E 63 3.10 -24.05 1.95
CA GLU E 63 2.01 -23.84 0.99
C GLU E 63 1.50 -22.41 1.04
C10 UJF F . -14.51 -12.68 -42.38
C13 UJF F . -13.13 -13.10 -42.85
C01 UJF F . -19.74 -8.07 -40.05
C02 UJF F . -20.25 -8.60 -41.21
C03 UJF F . -19.75 -9.80 -41.65
C04 UJF F . -18.74 -10.40 -40.93
C05 UJF F . -18.27 -9.88 -39.76
C06 UJF F . -18.77 -8.69 -39.32
C07 UJF F . -16.99 -11.92 -41.58
C08 UJF F . -15.97 -11.81 -40.69
C09 UJF F . -14.71 -12.19 -41.11
C11 UJF F . -15.57 -12.80 -43.24
C12 UJF F . -16.81 -12.43 -42.80
C14 UJF F . -12.12 -12.00 -42.53
I01 UJF F . -18.60 -12.49 -43.90
N01 UJF F . -11.78 -12.12 -41.13
O01 UJF F . -20.24 -6.87 -39.59
O02 UJF F . -18.32 -11.64 -41.37
#